data_5OOI
#
_entry.id   5OOI
#
_cell.length_a   46.488
_cell.length_b   112.128
_cell.length_c   143.692
_cell.angle_alpha   90.00
_cell.angle_beta   90.00
_cell.angle_gamma   90.00
#
_symmetry.space_group_name_H-M   'P 21 21 21'
#
loop_
_entity.id
_entity.type
_entity.pdbx_description
1 polymer "Casein kinase II subunit alpha'"
2 non-polymer 4-(3-methylbut-2-enoxy)-5-propan-2-yl-7,8-dihydro-6~{H}-indeno[1,2-b]indole-9,10-dione
3 non-polymer 1,2-ETHANEDIOL
4 non-polymer 'SODIUM ION'
5 non-polymer 'ACETATE ION'
6 water water
#
_entity_poly.entity_id   1
_entity_poly.type   'polypeptide(L)'
_entity_poly.pdbx_seq_one_letter_code
;MGSSHHHHHHSQDPMPGPAAGSRARVYAEVNSLRSREYWDYEAHVPSWGNQDDYQLVRKLGRGKYSEVFEAINITNNERV
VVKILKPVKKKKIKREVKILENLRGGTNIIKLIDTVKDPVSKTPALVFEYINNTDFKQLYQILTDFDIRFYMYELLKALD
YCHSKGIMHRDVKPHNVMIDHQQKKLRLIDWGLAEFYHPAQEYNVRVASRYFKGPELLVDYQMYDYSLDMWSLGCMLASM
IFRREPFFHGQDNYDQLVRIAKVLGTEELYGYLKKYHIDLDPHFNDILGQHSRKRWENFIHSENRHLVSPEALDLLDKLL
RYDHQQRLTAKEAMEHPYFYPVVKEQSQPSADNAVLSSGLTAAR
;
_entity_poly.pdbx_strand_id   A,B
#
# COMPACT_ATOMS: atom_id res chain seq x y z
N ALA A 19 -22.05 -4.28 1.87
CA ALA A 19 -22.01 -3.23 0.85
C ALA A 19 -22.76 -3.68 -0.41
N ALA A 20 -23.45 -2.75 -1.07
CA ALA A 20 -24.25 -3.08 -2.24
C ALA A 20 -23.37 -3.43 -3.45
N GLY A 21 -23.88 -4.30 -4.33
CA GLY A 21 -23.16 -4.70 -5.52
C GLY A 21 -23.08 -3.59 -6.57
N SER A 22 -22.26 -3.84 -7.59
CA SER A 22 -22.09 -2.88 -8.67
C SER A 22 -21.65 -3.62 -9.93
N ARG A 23 -22.07 -3.11 -11.09
CA ARG A 23 -21.62 -3.66 -12.38
C ARG A 23 -21.25 -2.53 -13.32
N ALA A 24 -20.29 -2.78 -14.21
CA ALA A 24 -19.99 -1.81 -15.25
C ALA A 24 -21.26 -1.40 -16.01
N ARG A 25 -21.35 -0.11 -16.33
CA ARG A 25 -22.41 0.45 -17.17
C ARG A 25 -22.36 -0.08 -18.60
N VAL A 26 -21.17 -0.38 -19.10
CA VAL A 26 -20.98 -0.84 -20.48
C VAL A 26 -19.93 -1.95 -20.46
N TYR A 27 -19.97 -2.77 -21.51
CA TYR A 27 -18.98 -3.84 -21.72
C TYR A 27 -18.93 -4.80 -20.54
N ALA A 28 -20.03 -4.91 -19.77
CA ALA A 28 -19.94 -5.68 -18.52
C ALA A 28 -19.67 -7.16 -18.78
N GLU A 29 -20.27 -7.74 -19.81
CA GLU A 29 -20.18 -9.19 -19.99
C GLU A 29 -19.21 -9.61 -21.08
N VAL A 30 -18.37 -8.69 -21.57
CA VAL A 30 -17.63 -8.94 -22.82
C VAL A 30 -16.65 -10.09 -22.68
N ASN A 31 -16.02 -10.24 -21.51
CA ASN A 31 -15.06 -11.33 -21.36
C ASN A 31 -15.75 -12.69 -21.33
N SER A 32 -16.93 -12.76 -20.73
CA SER A 32 -17.64 -14.03 -20.70
C SER A 32 -18.15 -14.42 -22.08
N LEU A 33 -18.28 -13.46 -22.99
CA LEU A 33 -18.69 -13.74 -24.35
C LEU A 33 -17.56 -14.24 -25.24
N ARG A 34 -16.32 -14.14 -24.78
CA ARG A 34 -15.15 -14.59 -25.50
C ARG A 34 -14.73 -15.98 -25.02
N SER A 35 -13.86 -16.63 -25.80
CA SER A 35 -13.26 -17.89 -25.39
C SER A 35 -12.59 -17.73 -24.04
N ARG A 36 -12.63 -18.80 -23.22
CA ARG A 36 -11.94 -18.73 -21.93
C ARG A 36 -10.46 -18.39 -22.10
N GLU A 37 -9.82 -18.95 -23.13
CA GLU A 37 -8.43 -18.65 -23.42
C GLU A 37 -8.10 -17.14 -23.44
N TYR A 38 -9.07 -16.29 -23.76
CA TYR A 38 -8.85 -14.84 -23.90
C TYR A 38 -8.48 -14.18 -22.57
N TRP A 39 -9.24 -14.48 -21.51
CA TRP A 39 -9.08 -13.86 -20.20
C TRP A 39 -8.37 -14.75 -19.18
N ASP A 40 -8.19 -16.05 -19.47
CA ASP A 40 -7.57 -16.99 -18.52
C ASP A 40 -6.04 -16.90 -18.63
N TYR A 41 -5.53 -15.74 -18.23
CA TYR A 41 -4.13 -15.45 -18.47
C TYR A 41 -3.20 -16.34 -17.68
N GLU A 42 -3.67 -16.95 -16.58
CA GLU A 42 -2.81 -17.89 -15.89
C GLU A 42 -2.45 -19.06 -16.77
N ALA A 43 -3.24 -19.32 -17.83
CA ALA A 43 -2.94 -20.41 -18.74
C ALA A 43 -2.18 -19.93 -19.97
N HIS A 44 -1.84 -18.65 -20.05
CA HIS A 44 -1.08 -18.17 -21.19
C HIS A 44 0.40 -18.47 -20.97
N VAL A 45 1.04 -19.03 -21.99
CA VAL A 45 2.44 -19.41 -21.91
C VAL A 45 3.21 -18.58 -22.93
N PRO A 46 3.94 -17.57 -22.49
CA PRO A 46 4.71 -16.78 -23.45
C PRO A 46 5.84 -17.60 -24.04
N SER A 47 6.28 -17.18 -25.22
CA SER A 47 7.43 -17.74 -25.91
C SER A 47 8.57 -16.72 -25.81
N TRP A 48 9.65 -17.09 -25.13
CA TRP A 48 10.72 -16.17 -24.75
C TRP A 48 11.87 -16.27 -25.75
N GLY A 49 12.08 -15.19 -26.51
CA GLY A 49 13.21 -15.10 -27.40
C GLY A 49 14.49 -14.73 -26.67
N ASN A 50 15.53 -14.50 -27.46
CA ASN A 50 16.85 -14.15 -26.96
C ASN A 50 17.02 -12.64 -26.95
N GLN A 51 17.26 -12.07 -25.75
CA GLN A 51 17.43 -10.63 -25.62
C GLN A 51 18.71 -10.12 -26.27
N ASP A 52 19.65 -11.01 -26.63
CA ASP A 52 20.87 -10.56 -27.28
C ASP A 52 20.63 -10.02 -28.69
N ASP A 53 19.44 -10.21 -29.26
CA ASP A 53 19.08 -9.56 -30.51
C ASP A 53 18.96 -8.04 -30.34
N TYR A 54 18.94 -7.57 -29.09
CA TYR A 54 18.69 -6.18 -28.74
C TYR A 54 19.87 -5.61 -27.95
N GLN A 55 20.45 -4.51 -28.45
CA GLN A 55 21.51 -3.79 -27.74
C GLN A 55 20.89 -2.60 -27.02
N LEU A 56 21.04 -2.57 -25.70
CA LEU A 56 20.52 -1.45 -24.91
C LEU A 56 21.36 -0.20 -25.17
N VAL A 57 20.70 0.94 -25.40
CA VAL A 57 21.33 2.12 -25.96
C VAL A 57 21.23 3.32 -25.02
N ARG A 58 20.12 3.44 -24.29
CA ARG A 58 19.86 4.61 -23.47
C ARG A 58 18.85 4.20 -22.42
N LYS A 59 19.08 4.59 -21.17
CA LYS A 59 18.06 4.35 -20.17
C LYS A 59 16.96 5.38 -20.35
N LEU A 60 15.71 4.92 -20.35
CA LEU A 60 14.62 5.87 -20.53
C LEU A 60 13.90 6.19 -19.24
N GLY A 61 13.91 5.28 -18.27
CA GLY A 61 13.14 5.49 -17.06
C GLY A 61 12.80 4.15 -16.45
N ARG A 62 11.70 4.13 -15.70
CA ARG A 62 11.41 2.91 -14.96
C ARG A 62 9.95 2.88 -14.54
N GLY A 63 9.53 1.69 -14.12
CA GLY A 63 8.21 1.48 -13.55
C GLY A 63 8.38 0.73 -12.25
N LYS A 64 7.26 0.36 -11.62
CA LYS A 64 7.30 -0.31 -10.33
C LYS A 64 8.22 -1.51 -10.34
N TYR A 65 8.10 -2.36 -11.35
CA TYR A 65 8.89 -3.57 -11.38
C TYR A 65 9.70 -3.69 -12.66
N SER A 66 10.26 -2.57 -13.14
CA SER A 66 10.92 -2.63 -14.43
C SER A 66 11.93 -1.50 -14.60
N GLU A 67 12.85 -1.72 -15.53
CA GLU A 67 13.82 -0.73 -16.01
C GLU A 67 13.65 -0.63 -17.51
N VAL A 68 13.48 0.58 -18.04
CA VAL A 68 13.10 0.71 -19.44
C VAL A 68 14.24 1.39 -20.20
N PHE A 69 14.63 0.75 -21.30
CA PHE A 69 15.76 1.20 -22.10
C PHE A 69 15.32 1.41 -23.54
N GLU A 70 15.96 2.37 -24.19
CA GLU A 70 15.92 2.43 -25.63
C GLU A 70 16.92 1.42 -26.17
N ALA A 71 16.57 0.76 -27.27
CA ALA A 71 17.45 -0.27 -27.79
C ALA A 71 17.33 -0.32 -29.30
N ILE A 72 18.32 -0.94 -29.93
CA ILE A 72 18.31 -1.20 -31.36
C ILE A 72 18.25 -2.71 -31.55
N ASN A 73 17.33 -3.16 -32.38
CA ASN A 73 17.32 -4.55 -32.80
C ASN A 73 18.44 -4.75 -33.81
N ILE A 74 19.47 -5.50 -33.40
CA ILE A 74 20.68 -5.61 -34.22
C ILE A 74 20.46 -6.42 -35.48
N THR A 75 19.30 -7.08 -35.62
CA THR A 75 19.02 -7.84 -36.83
C THR A 75 18.49 -6.95 -37.94
N ASN A 76 17.80 -5.85 -37.59
CA ASN A 76 17.16 -5.01 -38.60
C ASN A 76 17.35 -3.52 -38.38
N ASN A 77 18.24 -3.09 -37.48
CA ASN A 77 18.50 -1.68 -37.18
C ASN A 77 17.27 -0.90 -36.71
N GLU A 78 16.21 -1.57 -36.29
CA GLU A 78 15.03 -0.82 -35.87
C GLU A 78 15.17 -0.37 -34.43
N ARG A 79 14.71 0.85 -34.13
CA ARG A 79 14.69 1.36 -32.78
C ARG A 79 13.46 0.84 -32.04
N VAL A 80 13.68 0.32 -30.82
CA VAL A 80 12.64 -0.29 -30.00
C VAL A 80 12.87 0.14 -28.56
N VAL A 81 11.94 -0.27 -27.69
CA VAL A 81 12.03 -0.08 -26.25
C VAL A 81 12.01 -1.45 -25.56
N VAL A 82 12.94 -1.65 -24.64
CA VAL A 82 13.05 -2.91 -23.89
C VAL A 82 12.74 -2.63 -22.43
N LYS A 83 11.69 -3.27 -21.92
CA LYS A 83 11.25 -3.17 -20.52
C LYS A 83 11.65 -4.47 -19.81
N ILE A 84 12.62 -4.36 -18.90
CA ILE A 84 13.15 -5.48 -18.15
C ILE A 84 12.36 -5.65 -16.86
N LEU A 85 11.74 -6.81 -16.68
CA LEU A 85 10.90 -7.11 -15.51
C LEU A 85 11.77 -7.64 -14.37
N LYS A 86 11.84 -6.89 -13.28
CA LYS A 86 12.56 -7.33 -12.09
C LYS A 86 12.07 -6.52 -10.88
N PRO A 87 11.65 -7.17 -9.78
CA PRO A 87 11.55 -8.62 -9.59
C PRO A 87 10.43 -9.18 -10.45
N VAL A 88 10.20 -10.48 -10.32
CA VAL A 88 9.50 -11.29 -11.30
C VAL A 88 8.43 -12.08 -10.56
N LYS A 89 7.16 -11.70 -10.72
CA LYS A 89 6.05 -12.58 -10.38
C LYS A 89 5.49 -13.18 -11.67
N LYS A 90 5.53 -14.50 -11.79
CA LYS A 90 5.17 -15.14 -13.05
C LYS A 90 3.71 -14.86 -13.43
N LYS A 91 2.79 -14.96 -12.48
CA LYS A 91 1.38 -14.75 -12.78
C LYS A 91 1.14 -13.33 -13.32
N LYS A 92 1.84 -12.35 -12.73
CA LYS A 92 1.67 -10.97 -13.15
C LYS A 92 2.27 -10.74 -14.54
N ILE A 93 3.37 -11.42 -14.86
CA ILE A 93 3.94 -11.30 -16.18
C ILE A 93 2.99 -11.89 -17.24
N LYS A 94 2.42 -13.07 -16.94
CA LYS A 94 1.45 -13.65 -17.85
C LYS A 94 0.27 -12.70 -18.07
N ARG A 95 -0.11 -11.97 -17.03
CA ARG A 95 -1.25 -11.07 -17.17
C ARG A 95 -0.90 -9.91 -18.10
N GLU A 96 0.24 -9.27 -17.85
CA GLU A 96 0.62 -8.14 -18.66
C GLU A 96 0.80 -8.57 -20.10
N VAL A 97 1.49 -9.70 -20.31
CA VAL A 97 1.72 -10.16 -21.68
C VAL A 97 0.40 -10.47 -22.38
N LYS A 98 -0.50 -11.21 -21.72
CA LYS A 98 -1.76 -11.58 -22.37
C LYS A 98 -2.60 -10.33 -22.69
N ILE A 99 -2.69 -9.41 -21.73
CA ILE A 99 -3.42 -8.17 -21.97
C ILE A 99 -2.84 -7.43 -23.16
N LEU A 100 -1.51 -7.37 -23.26
CA LEU A 100 -0.89 -6.63 -24.36
C LEU A 100 -1.19 -7.31 -25.70
N GLU A 101 -1.20 -8.63 -25.73
CA GLU A 101 -1.54 -9.33 -26.96
C GLU A 101 -3.01 -9.14 -27.33
N ASN A 102 -3.92 -9.22 -26.36
CA ASN A 102 -5.34 -8.93 -26.58
C ASN A 102 -5.56 -7.52 -27.12
N LEU A 103 -4.76 -6.56 -26.68
CA LEU A 103 -4.93 -5.16 -27.09
C LEU A 103 -4.12 -4.77 -28.32
N ARG A 104 -3.35 -5.68 -28.93
CA ARG A 104 -2.44 -5.29 -29.99
C ARG A 104 -3.20 -4.73 -31.20
N GLY A 105 -2.63 -3.73 -31.85
CA GLY A 105 -3.40 -3.10 -32.91
C GLY A 105 -4.55 -2.22 -32.43
N GLY A 106 -4.75 -2.12 -31.13
CA GLY A 106 -5.73 -1.20 -30.64
C GLY A 106 -5.23 0.22 -30.77
N THR A 107 -6.19 1.13 -30.92
CA THR A 107 -5.98 2.55 -31.13
C THR A 107 -5.20 3.20 -29.99
N ASN A 108 -3.95 3.64 -30.26
CA ASN A 108 -3.15 4.36 -29.28
C ASN A 108 -2.75 3.48 -28.08
N ILE A 109 -2.81 2.14 -28.24
CA ILE A 109 -2.24 1.21 -27.25
C ILE A 109 -0.80 0.90 -27.66
N ILE A 110 0.12 0.98 -26.70
CA ILE A 110 1.51 0.65 -27.02
C ILE A 110 1.61 -0.75 -27.58
N LYS A 111 2.41 -0.90 -28.62
CA LYS A 111 2.51 -2.15 -29.37
C LYS A 111 3.62 -3.02 -28.81
N LEU A 112 3.23 -4.19 -28.28
CA LEU A 112 4.19 -5.20 -27.84
C LEU A 112 4.73 -5.94 -29.07
N ILE A 113 6.04 -5.93 -29.23
CA ILE A 113 6.72 -6.46 -30.40
C ILE A 113 7.35 -7.82 -30.12
N ASP A 114 7.85 -8.02 -28.91
CA ASP A 114 8.60 -9.25 -28.65
C ASP A 114 8.59 -9.49 -27.15
N THR A 115 8.90 -10.71 -26.76
CA THR A 115 9.10 -11.12 -25.37
C THR A 115 10.37 -11.95 -25.34
N VAL A 116 11.36 -11.49 -24.58
CA VAL A 116 12.70 -12.08 -24.62
C VAL A 116 13.25 -12.24 -23.20
N LYS A 117 14.36 -12.97 -23.12
CA LYS A 117 15.03 -13.21 -21.85
C LYS A 117 16.52 -13.06 -22.11
N ASP A 118 17.21 -12.45 -21.17
CA ASP A 118 18.66 -12.47 -21.20
C ASP A 118 19.14 -13.92 -21.14
N PRO A 119 19.98 -14.37 -22.07
CA PRO A 119 20.34 -15.81 -22.10
C PRO A 119 21.13 -16.30 -20.89
N VAL A 120 21.73 -15.42 -20.08
CA VAL A 120 22.47 -15.83 -18.89
C VAL A 120 21.63 -15.73 -17.62
N SER A 121 21.02 -14.56 -17.36
CA SER A 121 20.22 -14.37 -16.16
C SER A 121 18.82 -14.96 -16.27
N LYS A 122 18.36 -15.24 -17.49
CA LYS A 122 16.99 -15.65 -17.78
C LYS A 122 15.96 -14.63 -17.32
N THR A 123 16.40 -13.39 -17.10
CA THR A 123 15.46 -12.36 -16.70
C THR A 123 14.58 -11.96 -17.88
N PRO A 124 13.28 -11.83 -17.67
CA PRO A 124 12.37 -11.49 -18.76
C PRO A 124 12.30 -10.01 -19.08
N ALA A 125 12.07 -9.72 -20.36
CA ALA A 125 11.90 -8.38 -20.87
C ALA A 125 10.80 -8.33 -21.94
N LEU A 126 10.02 -7.26 -21.95
CA LEU A 126 9.04 -6.98 -22.99
C LEU A 126 9.61 -5.94 -23.94
N VAL A 127 9.43 -6.17 -25.25
CA VAL A 127 9.93 -5.27 -26.29
C VAL A 127 8.73 -4.55 -26.92
N PHE A 128 8.82 -3.21 -27.01
CA PHE A 128 7.74 -2.37 -27.50
C PHE A 128 8.20 -1.50 -28.65
N GLU A 129 7.24 -1.01 -29.41
CA GLU A 129 7.53 0.04 -30.36
C GLU A 129 8.12 1.23 -29.63
N TYR A 130 9.02 1.94 -30.28
CA TYR A 130 9.59 3.16 -29.67
C TYR A 130 8.67 4.35 -29.91
N ILE A 131 8.42 5.16 -28.86
CA ILE A 131 7.74 6.45 -28.99
C ILE A 131 8.64 7.53 -28.42
N ASN A 132 8.83 8.62 -29.17
CA ASN A 132 9.75 9.67 -28.72
C ASN A 132 9.03 10.67 -27.82
N ASN A 133 8.92 10.31 -26.54
CA ASN A 133 8.10 11.03 -25.58
C ASN A 133 8.70 12.37 -25.17
N THR A 134 7.83 13.38 -25.07
CA THR A 134 8.15 14.62 -24.37
C THR A 134 7.66 14.51 -22.93
N ASP A 135 8.58 14.64 -21.98
CA ASP A 135 8.23 14.53 -20.57
C ASP A 135 7.07 15.47 -20.25
N PHE A 136 6.06 14.95 -19.55
CA PHE A 136 4.81 15.71 -19.38
C PHE A 136 5.05 16.99 -18.61
N LYS A 137 6.05 17.01 -17.73
CA LYS A 137 6.34 18.25 -17.02
C LYS A 137 6.82 19.34 -17.98
N GLN A 138 7.61 18.98 -19.00
CA GLN A 138 7.93 19.99 -20.00
C GLN A 138 6.73 20.22 -20.93
N LEU A 139 6.08 19.14 -21.36
CA LEU A 139 4.98 19.22 -22.31
C LEU A 139 3.79 20.01 -21.77
N TYR A 140 3.40 19.77 -20.51
CA TYR A 140 2.23 20.48 -20.01
C TYR A 140 2.46 22.01 -19.95
N GLN A 141 3.71 22.46 -19.93
CA GLN A 141 3.94 23.89 -19.93
C GLN A 141 3.60 24.55 -21.26
N ILE A 142 3.44 23.77 -22.33
CA ILE A 142 3.28 24.34 -23.65
C ILE A 142 2.00 23.88 -24.34
N LEU A 143 1.19 23.04 -23.69
CA LEU A 143 -0.07 22.59 -24.28
C LEU A 143 -1.05 23.75 -24.43
N THR A 144 -1.73 23.81 -25.57
CA THR A 144 -2.80 24.76 -25.82
C THR A 144 -4.14 24.09 -25.56
N ASP A 145 -5.19 24.91 -25.54
CA ASP A 145 -6.54 24.38 -25.39
C ASP A 145 -6.82 23.30 -26.43
N PHE A 146 -6.50 23.57 -27.69
CA PHE A 146 -6.75 22.58 -28.71
C PHE A 146 -5.93 21.32 -28.50
N ASP A 147 -4.66 21.48 -28.08
CA ASP A 147 -3.85 20.29 -27.77
C ASP A 147 -4.49 19.44 -26.69
N ILE A 148 -5.03 20.09 -25.65
CA ILE A 148 -5.58 19.28 -24.57
C ILE A 148 -6.78 18.49 -25.08
N ARG A 149 -7.67 19.13 -25.85
CA ARG A 149 -8.78 18.40 -26.44
C ARG A 149 -8.29 17.26 -27.33
N PHE A 150 -7.29 17.52 -28.20
CA PHE A 150 -6.81 16.47 -29.09
C PHE A 150 -6.23 15.29 -28.31
N TYR A 151 -5.30 15.53 -27.39
CA TYR A 151 -4.65 14.39 -26.73
C TYR A 151 -5.60 13.67 -25.80
N MET A 152 -6.51 14.41 -25.14
CA MET A 152 -7.51 13.75 -24.31
C MET A 152 -8.41 12.85 -25.15
N TYR A 153 -8.74 13.29 -26.36
CA TYR A 153 -9.56 12.49 -27.26
C TYR A 153 -8.84 11.22 -27.66
N GLU A 154 -7.55 11.35 -28.01
CA GLU A 154 -6.75 10.18 -28.37
C GLU A 154 -6.60 9.22 -27.19
N LEU A 155 -6.41 9.75 -25.97
CA LEU A 155 -6.37 8.89 -24.78
C LEU A 155 -7.73 8.19 -24.56
N LEU A 156 -8.84 8.89 -24.80
CA LEU A 156 -10.15 8.24 -24.65
C LEU A 156 -10.39 7.14 -25.67
N LYS A 157 -9.84 7.27 -26.88
CA LYS A 157 -9.92 6.17 -27.83
C LYS A 157 -9.24 4.92 -27.29
N ALA A 158 -8.06 5.09 -26.68
CA ALA A 158 -7.37 3.94 -26.11
C ALA A 158 -8.17 3.32 -24.98
N LEU A 159 -8.79 4.16 -24.15
CA LEU A 159 -9.56 3.64 -23.02
C LEU A 159 -10.84 2.99 -23.48
N ASP A 160 -11.56 3.61 -24.43
CA ASP A 160 -12.75 2.93 -24.96
C ASP A 160 -12.34 1.60 -25.56
N TYR A 161 -11.20 1.58 -26.26
CA TYR A 161 -10.77 0.32 -26.86
C TYR A 161 -10.48 -0.71 -25.78
N CYS A 162 -9.63 -0.40 -24.80
CA CYS A 162 -9.27 -1.47 -23.88
C CYS A 162 -10.48 -1.89 -23.03
N HIS A 163 -11.35 -0.96 -22.67
CA HIS A 163 -12.58 -1.32 -21.97
C HIS A 163 -13.47 -2.22 -22.83
N SER A 164 -13.64 -1.90 -24.10
CA SER A 164 -14.39 -2.80 -24.99
C SER A 164 -13.76 -4.18 -25.08
N LYS A 165 -12.45 -4.30 -24.81
CA LYS A 165 -11.74 -5.58 -24.76
C LYS A 165 -11.71 -6.19 -23.34
N GLY A 166 -12.59 -5.76 -22.46
CA GLY A 166 -12.72 -6.34 -21.12
C GLY A 166 -11.60 -5.99 -20.15
N ILE A 167 -10.87 -4.91 -20.38
CA ILE A 167 -9.65 -4.63 -19.64
C ILE A 167 -9.69 -3.23 -19.03
N MET A 168 -9.43 -3.16 -17.71
CA MET A 168 -9.22 -1.93 -16.94
C MET A 168 -7.73 -1.66 -16.84
N HIS A 169 -7.31 -0.43 -17.11
CA HIS A 169 -5.87 -0.16 -17.07
C HIS A 169 -5.40 -0.04 -15.62
N ARG A 170 -6.13 0.74 -14.83
CA ARG A 170 -5.95 0.90 -13.38
C ARG A 170 -4.70 1.65 -12.99
N ASP A 171 -3.96 2.23 -13.93
CA ASP A 171 -2.78 3.06 -13.62
C ASP A 171 -2.68 4.23 -14.58
N VAL A 172 -3.82 4.85 -14.91
CA VAL A 172 -3.86 6.01 -15.82
C VAL A 172 -3.30 7.24 -15.09
N LYS A 173 -2.25 7.83 -15.64
CA LYS A 173 -1.54 9.00 -15.09
C LYS A 173 -0.64 9.56 -16.19
N PRO A 174 -0.20 10.81 -16.07
CA PRO A 174 0.62 11.38 -17.14
C PRO A 174 1.83 10.56 -17.45
N HIS A 175 2.51 10.01 -16.43
CA HIS A 175 3.69 9.20 -16.68
C HIS A 175 3.40 8.00 -17.56
N ASN A 176 2.14 7.55 -17.63
CA ASN A 176 1.83 6.38 -18.45
C ASN A 176 1.18 6.73 -19.78
N VAL A 177 1.25 7.98 -20.21
CA VAL A 177 0.72 8.43 -21.49
C VAL A 177 1.90 9.01 -22.27
N MET A 178 2.44 8.24 -23.23
CA MET A 178 3.57 8.71 -24.04
C MET A 178 3.04 9.59 -25.16
N ILE A 179 3.64 10.77 -25.33
CA ILE A 179 3.18 11.70 -26.38
C ILE A 179 4.40 12.17 -27.16
N ASP A 180 4.45 11.83 -28.43
CA ASP A 180 5.42 12.45 -29.34
C ASP A 180 4.76 13.72 -29.84
N HIS A 181 5.13 14.86 -29.27
CA HIS A 181 4.46 16.12 -29.59
C HIS A 181 4.87 16.62 -30.97
N GLN A 182 6.00 16.17 -31.51
CA GLN A 182 6.37 16.55 -32.86
C GLN A 182 5.46 15.90 -33.88
N GLN A 183 5.27 14.58 -33.76
CA GLN A 183 4.42 13.82 -34.66
C GLN A 183 2.98 13.78 -34.18
N LYS A 184 2.69 14.42 -33.05
CA LYS A 184 1.35 14.47 -32.47
C LYS A 184 0.78 13.05 -32.35
N LYS A 185 1.53 12.18 -31.66
CA LYS A 185 1.21 10.75 -31.52
C LYS A 185 1.10 10.41 -30.03
N LEU A 186 0.13 9.57 -29.66
CA LEU A 186 -0.06 9.21 -28.26
C LEU A 186 -0.15 7.71 -28.11
N ARG A 187 0.46 7.19 -27.03
CA ARG A 187 0.36 5.78 -26.66
C ARG A 187 0.17 5.65 -25.15
N LEU A 188 -0.82 4.87 -24.75
CA LEU A 188 -1.00 4.52 -23.34
C LEU A 188 -0.11 3.32 -23.02
N ILE A 189 0.76 3.45 -22.02
CA ILE A 189 1.73 2.41 -21.73
C ILE A 189 1.51 1.81 -20.34
N ASP A 190 2.43 0.92 -19.96
CA ASP A 190 2.56 0.21 -18.69
C ASP A 190 1.26 -0.43 -18.26
N TRP A 191 1.03 -1.59 -18.83
CA TRP A 191 -0.15 -2.38 -18.58
C TRP A 191 0.07 -3.38 -17.46
N GLY A 192 1.08 -3.16 -16.62
CA GLY A 192 1.37 -4.13 -15.58
C GLY A 192 0.38 -4.18 -14.44
N LEU A 193 -0.47 -3.16 -14.30
CA LEU A 193 -1.51 -3.22 -13.28
C LEU A 193 -2.88 -3.54 -13.86
N ALA A 194 -2.96 -3.64 -15.18
CA ALA A 194 -4.26 -3.81 -15.83
C ALA A 194 -4.86 -5.16 -15.48
N GLU A 195 -6.18 -5.26 -15.54
CA GLU A 195 -6.83 -6.50 -15.14
C GLU A 195 -8.10 -6.67 -15.97
N PHE A 196 -8.54 -7.92 -16.10
CA PHE A 196 -9.78 -8.25 -16.80
C PHE A 196 -10.98 -7.94 -15.93
N TYR A 197 -12.00 -7.28 -16.50
CA TYR A 197 -13.22 -7.00 -15.76
C TYR A 197 -14.14 -8.21 -15.88
N HIS A 198 -14.64 -8.67 -14.73
CA HIS A 198 -15.67 -9.72 -14.65
C HIS A 198 -16.75 -9.25 -13.69
N PRO A 199 -18.02 -9.36 -14.07
CA PRO A 199 -19.10 -8.87 -13.20
C PRO A 199 -19.04 -9.48 -11.81
N ALA A 200 -19.19 -8.62 -10.81
CA ALA A 200 -19.26 -8.93 -9.39
C ALA A 200 -17.92 -9.39 -8.83
N GLN A 201 -16.84 -9.29 -9.58
CA GLN A 201 -15.56 -9.71 -9.04
C GLN A 201 -15.06 -8.61 -8.11
N GLU A 202 -14.47 -9.02 -6.99
CA GLU A 202 -13.86 -8.06 -6.07
C GLU A 202 -12.37 -7.95 -6.38
N TYR A 203 -11.91 -6.73 -6.59
CA TYR A 203 -10.55 -6.43 -7.00
C TYR A 203 -9.77 -5.80 -5.86
N ASN A 204 -8.44 -5.96 -5.97
CA ASN A 204 -7.46 -5.28 -5.12
C ASN A 204 -7.57 -3.78 -5.29
N VAL A 205 -7.76 -3.03 -4.21
CA VAL A 205 -7.84 -1.59 -4.37
C VAL A 205 -6.48 -0.89 -4.32
N ARG A 206 -5.38 -1.62 -4.12
CA ARG A 206 -4.08 -0.98 -4.05
C ARG A 206 -3.47 -0.88 -5.45
N VAL A 207 -4.16 -0.14 -6.31
CA VAL A 207 -3.75 0.15 -7.67
C VAL A 207 -3.81 1.67 -7.86
N ALA A 208 -3.14 2.15 -8.91
CA ALA A 208 -3.07 3.53 -9.36
C ALA A 208 -2.16 4.36 -8.46
N SER A 209 -1.64 5.45 -8.99
CA SER A 209 -0.95 6.41 -8.15
C SER A 209 -1.95 7.11 -7.23
N ARG A 210 -1.48 7.50 -6.03
CA ARG A 210 -2.37 8.11 -5.03
C ARG A 210 -3.22 9.20 -5.65
N TYR A 211 -2.61 10.04 -6.48
CA TYR A 211 -3.27 11.25 -6.92
C TYR A 211 -4.38 10.96 -7.93
N PHE A 212 -4.39 9.77 -8.50
CA PHE A 212 -5.33 9.35 -9.53
C PHE A 212 -6.27 8.24 -9.06
N LYS A 213 -6.19 7.86 -7.79
CA LYS A 213 -7.10 6.85 -7.25
C LYS A 213 -8.50 7.39 -7.17
N GLY A 214 -9.48 6.65 -7.67
CA GLY A 214 -10.84 7.08 -7.51
C GLY A 214 -11.29 6.90 -6.08
N PRO A 215 -12.37 7.58 -5.70
CA PRO A 215 -12.90 7.41 -4.34
C PRO A 215 -13.19 5.97 -3.98
N GLU A 216 -13.60 5.13 -4.94
CA GLU A 216 -13.90 3.75 -4.60
C GLU A 216 -12.67 3.06 -4.00
N LEU A 217 -11.49 3.33 -4.55
CA LEU A 217 -10.28 2.73 -3.99
C LEU A 217 -9.99 3.29 -2.59
N LEU A 218 -10.22 4.58 -2.39
CA LEU A 218 -9.85 5.25 -1.14
C LEU A 218 -10.74 4.83 0.01
N VAL A 219 -11.99 4.43 -0.27
CA VAL A 219 -12.90 3.89 0.76
C VAL A 219 -12.97 2.36 0.72
N ASP A 220 -12.08 1.70 0.00
CA ASP A 220 -11.95 0.24 0.05
C ASP A 220 -13.18 -0.48 -0.55
N TYR A 221 -13.77 0.08 -1.60
CA TYR A 221 -14.88 -0.56 -2.32
C TYR A 221 -14.32 -1.38 -3.49
N GLN A 222 -14.37 -2.69 -3.36
CA GLN A 222 -13.61 -3.59 -4.22
C GLN A 222 -14.31 -3.97 -5.51
N MET A 223 -15.63 -3.77 -5.63
CA MET A 223 -16.35 -4.19 -6.83
C MET A 223 -16.41 -3.05 -7.87
N TYR A 224 -15.24 -2.60 -8.27
CA TYR A 224 -15.13 -1.48 -9.18
C TYR A 224 -14.96 -1.98 -10.61
N ASP A 225 -14.83 -1.06 -11.57
CA ASP A 225 -14.86 -1.50 -12.98
C ASP A 225 -14.14 -0.46 -13.85
N TYR A 226 -14.40 -0.46 -15.16
CA TYR A 226 -13.69 0.43 -16.08
C TYR A 226 -13.77 1.89 -15.65
N SER A 227 -14.82 2.25 -14.92
CA SER A 227 -15.05 3.64 -14.55
C SER A 227 -13.94 4.19 -13.66
N LEU A 228 -13.15 3.31 -13.01
CA LEU A 228 -11.96 3.77 -12.30
C LEU A 228 -11.05 4.57 -13.22
N ASP A 229 -10.79 4.07 -14.44
CA ASP A 229 -9.93 4.81 -15.35
C ASP A 229 -10.51 6.18 -15.71
N MET A 230 -11.85 6.30 -15.67
CA MET A 230 -12.45 7.56 -16.07
C MET A 230 -12.28 8.61 -14.98
N TRP A 231 -12.20 8.20 -13.70
CA TRP A 231 -11.78 9.14 -12.66
C TRP A 231 -10.35 9.60 -12.89
N SER A 232 -9.44 8.66 -13.12
CA SER A 232 -8.05 9.04 -13.34
C SER A 232 -7.94 10.01 -14.51
N LEU A 233 -8.68 9.76 -15.56
CA LEU A 233 -8.66 10.63 -16.72
C LEU A 233 -9.21 12.02 -16.40
N GLY A 234 -10.30 12.10 -15.62
CA GLY A 234 -10.76 13.40 -15.13
C GLY A 234 -9.71 14.15 -14.33
N CYS A 235 -8.94 13.43 -13.50
CA CYS A 235 -7.89 14.08 -12.74
C CYS A 235 -6.85 14.70 -13.67
N MET A 236 -6.52 13.99 -14.76
CA MET A 236 -5.54 14.51 -15.72
C MET A 236 -6.09 15.72 -16.42
N LEU A 237 -7.36 15.64 -16.84
CA LEU A 237 -8.00 16.76 -17.52
C LEU A 237 -8.00 18.01 -16.64
N ALA A 238 -8.39 17.85 -15.37
CA ALA A 238 -8.32 18.96 -14.40
C ALA A 238 -6.93 19.56 -14.34
N SER A 239 -5.89 18.73 -14.21
CA SER A 239 -4.57 19.31 -14.05
C SER A 239 -4.12 20.01 -15.31
N MET A 240 -4.54 19.53 -16.49
CA MET A 240 -4.07 20.15 -17.72
C MET A 240 -4.73 21.50 -17.93
N ILE A 241 -6.04 21.57 -17.74
CA ILE A 241 -6.74 22.81 -18.05
C ILE A 241 -6.55 23.83 -16.95
N PHE A 242 -6.37 23.40 -15.68
CA PHE A 242 -6.18 24.33 -14.59
C PHE A 242 -4.72 24.59 -14.25
N ARG A 243 -3.81 23.73 -14.73
CA ARG A 243 -2.38 23.85 -14.52
C ARG A 243 -1.99 23.63 -13.06
N ARG A 244 -2.78 22.87 -12.34
CA ARG A 244 -2.44 22.46 -10.99
C ARG A 244 -2.20 20.96 -11.09
N GLU A 245 -0.93 20.54 -10.97
CA GLU A 245 -0.55 19.17 -11.30
C GLU A 245 0.31 18.58 -10.19
N PRO A 246 -0.11 17.44 -9.56
CA PRO A 246 -1.39 16.77 -9.82
C PRO A 246 -2.56 17.61 -9.30
N PHE A 247 -3.80 17.29 -9.68
CA PHE A 247 -4.87 18.21 -9.30
C PHE A 247 -5.29 18.02 -7.84
N PHE A 248 -5.43 16.78 -7.41
CA PHE A 248 -5.74 16.44 -6.03
C PHE A 248 -4.46 15.89 -5.44
N HIS A 249 -3.79 16.70 -4.64
CA HIS A 249 -2.45 16.38 -4.18
C HIS A 249 -2.44 15.90 -2.74
N GLY A 250 -2.94 14.68 -2.50
CA GLY A 250 -2.92 14.14 -1.16
C GLY A 250 -1.52 13.73 -0.71
N GLN A 251 -1.26 13.87 0.61
CA GLN A 251 0.00 13.43 1.19
C GLN A 251 -0.04 11.97 1.69
N ASP A 252 -1.24 11.37 1.78
CA ASP A 252 -1.48 9.95 2.08
C ASP A 252 -2.90 9.64 1.63
N ASN A 253 -3.28 8.36 1.73
CA ASN A 253 -4.58 7.95 1.19
C ASN A 253 -5.76 8.60 1.94
N TYR A 254 -5.63 8.85 3.24
CA TYR A 254 -6.71 9.57 3.91
C TYR A 254 -6.78 11.01 3.40
N ASP A 255 -5.63 11.68 3.34
CA ASP A 255 -5.61 13.07 2.88
C ASP A 255 -6.08 13.19 1.44
N GLN A 256 -5.88 12.14 0.63
CA GLN A 256 -6.33 12.18 -0.77
C GLN A 256 -7.85 12.33 -0.85
N LEU A 257 -8.58 11.55 -0.05
CA LEU A 257 -10.04 11.68 -0.03
C LEU A 257 -10.47 13.04 0.52
N VAL A 258 -9.76 13.55 1.53
CA VAL A 258 -10.11 14.88 2.04
C VAL A 258 -9.95 15.94 0.95
N ARG A 259 -8.85 15.91 0.19
CA ARG A 259 -8.65 16.87 -0.88
C ARG A 259 -9.78 16.80 -1.92
N ILE A 260 -10.22 15.59 -2.26
CA ILE A 260 -11.33 15.44 -3.19
C ILE A 260 -12.59 16.03 -2.59
N ALA A 261 -12.83 15.74 -1.29
CA ALA A 261 -14.06 16.19 -0.66
C ALA A 261 -14.10 17.72 -0.51
N LYS A 262 -12.95 18.36 -0.41
CA LYS A 262 -12.89 19.81 -0.36
C LYS A 262 -13.29 20.45 -1.68
N VAL A 263 -13.42 19.65 -2.74
CA VAL A 263 -13.83 20.14 -4.05
C VAL A 263 -15.24 19.66 -4.40
N LEU A 264 -15.47 18.35 -4.38
CA LEU A 264 -16.81 17.83 -4.71
C LEU A 264 -17.79 17.95 -3.56
N GLY A 265 -17.33 18.21 -2.34
CA GLY A 265 -18.24 18.38 -1.23
C GLY A 265 -18.37 17.14 -0.36
N THR A 266 -18.70 17.35 0.91
CA THR A 266 -18.84 16.19 1.81
C THR A 266 -20.22 15.55 1.75
N GLU A 267 -21.27 16.34 1.51
CA GLU A 267 -22.60 15.75 1.48
C GLU A 267 -22.75 14.79 0.32
N GLU A 268 -22.18 15.17 -0.83
CA GLU A 268 -22.20 14.27 -1.97
C GLU A 268 -21.37 13.02 -1.69
N LEU A 269 -20.31 13.16 -0.89
CA LEU A 269 -19.53 11.99 -0.46
C LEU A 269 -20.37 11.05 0.39
N TYR A 270 -21.10 11.61 1.36
CA TYR A 270 -21.91 10.78 2.24
C TYR A 270 -23.04 10.11 1.49
N GLY A 271 -23.59 10.79 0.47
CA GLY A 271 -24.58 10.15 -0.38
C GLY A 271 -24.05 8.95 -1.13
N TYR A 272 -22.85 9.07 -1.70
CA TYR A 272 -22.17 7.92 -2.33
C TYR A 272 -22.05 6.75 -1.38
N LEU A 273 -21.53 7.01 -0.17
CA LEU A 273 -21.31 5.95 0.81
C LEU A 273 -22.63 5.31 1.20
N LYS A 274 -23.70 6.10 1.28
CA LYS A 274 -25.00 5.54 1.60
C LYS A 274 -25.51 4.69 0.46
N LYS A 275 -25.30 5.13 -0.78
CA LYS A 275 -25.77 4.32 -1.89
C LYS A 275 -25.17 2.92 -1.85
N TYR A 276 -23.87 2.81 -1.57
CA TYR A 276 -23.17 1.54 -1.66
C TYR A 276 -22.94 0.88 -0.31
N HIS A 277 -23.55 1.39 0.77
CA HIS A 277 -23.48 0.84 2.12
C HIS A 277 -22.03 0.70 2.61
N ILE A 278 -21.23 1.73 2.40
CA ILE A 278 -19.81 1.67 2.71
C ILE A 278 -19.60 2.25 4.09
N ASP A 279 -19.08 1.43 4.99
CA ASP A 279 -18.68 1.91 6.30
C ASP A 279 -17.36 2.66 6.15
N LEU A 280 -17.31 3.88 6.66
CA LEU A 280 -16.13 4.72 6.46
C LEU A 280 -15.14 4.47 7.58
N ASP A 281 -13.86 4.32 7.23
CA ASP A 281 -12.80 4.22 8.22
C ASP A 281 -12.93 5.35 9.24
N PRO A 282 -13.09 5.04 10.53
CA PRO A 282 -13.45 6.07 11.50
C PRO A 282 -12.42 7.18 11.64
N HIS A 283 -11.18 6.94 11.21
CA HIS A 283 -10.19 8.00 11.24
C HIS A 283 -10.64 9.20 10.40
N PHE A 284 -11.47 8.96 9.38
CA PHE A 284 -11.96 10.05 8.55
C PHE A 284 -12.82 11.02 9.34
N ASN A 285 -13.49 10.54 10.38
CA ASN A 285 -14.33 11.40 11.22
C ASN A 285 -13.54 12.56 11.79
N ASP A 286 -12.23 12.36 12.01
CA ASP A 286 -11.38 13.40 12.58
C ASP A 286 -10.92 14.42 11.53
N ILE A 287 -10.88 14.04 10.25
CA ILE A 287 -10.21 14.85 9.25
C ILE A 287 -11.10 15.30 8.10
N LEU A 288 -12.28 14.70 7.88
CA LEU A 288 -13.04 15.09 6.69
C LEU A 288 -13.71 16.45 6.85
N GLY A 289 -14.24 16.75 8.02
CA GLY A 289 -14.96 18.02 8.17
C GLY A 289 -16.27 18.05 7.38
N GLN A 290 -16.71 19.25 7.04
CA GLN A 290 -17.84 19.44 6.14
C GLN A 290 -17.52 20.52 5.13
N HIS A 291 -17.72 20.21 3.85
CA HIS A 291 -17.40 21.12 2.77
C HIS A 291 -18.52 21.13 1.75
N SER A 292 -18.86 22.33 1.28
CA SER A 292 -19.78 22.48 0.16
C SER A 292 -19.04 22.21 -1.14
N ARG A 293 -19.80 21.82 -2.16
CA ARG A 293 -19.23 21.64 -3.49
C ARG A 293 -18.74 22.98 -4.01
N LYS A 294 -17.53 22.99 -4.57
CA LYS A 294 -16.96 24.19 -5.18
C LYS A 294 -17.37 24.23 -6.64
N ARG A 295 -17.60 25.43 -7.16
CA ARG A 295 -17.80 25.58 -8.61
C ARG A 295 -16.47 25.32 -9.29
N TRP A 296 -16.49 24.57 -10.41
CA TRP A 296 -15.25 24.38 -11.15
C TRP A 296 -14.66 25.72 -11.59
N GLU A 297 -15.50 26.73 -11.82
CA GLU A 297 -15.02 28.06 -12.15
C GLU A 297 -14.14 28.66 -11.06
N ASN A 298 -14.24 28.20 -9.80
CA ASN A 298 -13.40 28.76 -8.75
C ASN A 298 -11.91 28.49 -8.99
N PHE A 299 -11.57 27.53 -9.87
CA PHE A 299 -10.18 27.22 -10.18
C PHE A 299 -9.60 28.04 -11.34
N ILE A 300 -10.37 28.88 -11.92
CA ILE A 300 -9.88 29.67 -13.05
C ILE A 300 -9.19 30.93 -12.54
N HIS A 301 -8.04 31.27 -13.17
CA HIS A 301 -7.39 32.55 -12.93
C HIS A 301 -6.57 32.91 -14.16
N SER A 302 -5.82 34.02 -14.09
CA SER A 302 -5.22 34.55 -15.32
C SER A 302 -4.22 33.58 -15.96
N GLU A 303 -3.65 32.65 -15.20
CA GLU A 303 -2.64 31.76 -15.76
C GLU A 303 -3.25 30.54 -16.47
N ASN A 304 -4.53 30.23 -16.26
CA ASN A 304 -5.15 29.08 -16.95
C ASN A 304 -6.38 29.43 -17.73
N ARG A 305 -6.77 30.71 -17.80
CA ARG A 305 -8.03 31.11 -18.39
C ARG A 305 -8.13 30.72 -19.85
N HIS A 306 -7.01 30.76 -20.57
CA HIS A 306 -6.96 30.40 -21.98
C HIS A 306 -7.14 28.91 -22.22
N LEU A 307 -7.18 28.08 -21.16
CA LEU A 307 -7.31 26.63 -21.33
C LEU A 307 -8.68 26.12 -20.91
N VAL A 308 -9.51 26.98 -20.33
CA VAL A 308 -10.77 26.60 -19.73
C VAL A 308 -11.89 27.18 -20.59
N SER A 309 -12.98 26.44 -20.71
CA SER A 309 -14.15 26.76 -21.50
C SER A 309 -15.35 26.14 -20.80
N PRO A 310 -16.57 26.62 -21.08
CA PRO A 310 -17.72 25.94 -20.46
C PRO A 310 -17.75 24.46 -20.79
N GLU A 311 -17.37 24.09 -22.02
CA GLU A 311 -17.40 22.68 -22.41
C GLU A 311 -16.43 21.85 -21.60
N ALA A 312 -15.22 22.37 -21.38
CA ALA A 312 -14.26 21.65 -20.55
C ALA A 312 -14.84 21.39 -19.19
N LEU A 313 -15.46 22.41 -18.59
CA LEU A 313 -15.95 22.26 -17.23
C LEU A 313 -17.11 21.29 -17.16
N ASP A 314 -17.99 21.32 -18.16
CA ASP A 314 -19.12 20.40 -18.16
C ASP A 314 -18.64 18.94 -18.26
N LEU A 315 -17.65 18.69 -19.13
CA LEU A 315 -17.05 17.37 -19.25
C LEU A 315 -16.41 16.95 -17.93
N LEU A 316 -15.59 17.85 -17.37
CA LEU A 316 -14.89 17.53 -16.12
C LEU A 316 -15.87 17.16 -15.04
N ASP A 317 -16.98 17.89 -14.98
CA ASP A 317 -18.00 17.64 -13.97
C ASP A 317 -18.61 16.24 -14.11
N LYS A 318 -18.70 15.72 -15.32
CA LYS A 318 -19.30 14.42 -15.55
C LYS A 318 -18.30 13.28 -15.45
N LEU A 319 -17.01 13.58 -15.29
CA LEU A 319 -15.97 12.59 -15.03
C LEU A 319 -15.66 12.45 -13.55
N LEU A 320 -15.51 13.58 -12.86
CA LEU A 320 -15.10 13.62 -11.47
C LEU A 320 -16.37 13.55 -10.63
N ARG A 321 -16.92 12.35 -10.55
CA ARG A 321 -18.08 12.06 -9.71
C ARG A 321 -17.71 10.97 -8.71
N TYR A 322 -18.16 11.09 -7.46
CA TYR A 322 -17.91 10.03 -6.49
C TYR A 322 -18.43 8.70 -6.99
N ASP A 323 -19.68 8.69 -7.45
CA ASP A 323 -20.38 7.47 -7.87
C ASP A 323 -19.78 7.03 -9.19
N HIS A 324 -18.96 5.99 -9.11
CA HIS A 324 -18.31 5.47 -10.30
C HIS A 324 -19.33 5.12 -11.38
N GLN A 325 -20.53 4.70 -10.98
CA GLN A 325 -21.50 4.27 -11.96
C GLN A 325 -22.06 5.43 -12.75
N GLN A 326 -21.91 6.64 -12.24
CA GLN A 326 -22.49 7.77 -12.91
C GLN A 326 -21.48 8.52 -13.77
N ARG A 327 -20.19 8.25 -13.63
CA ARG A 327 -19.17 8.85 -14.49
C ARG A 327 -19.45 8.52 -15.95
N LEU A 328 -19.10 9.44 -16.86
CA LEU A 328 -19.22 9.12 -18.28
C LEU A 328 -18.42 7.87 -18.65
N THR A 329 -18.94 7.08 -19.58
CA THR A 329 -18.10 6.08 -20.22
C THR A 329 -17.11 6.77 -21.16
N ALA A 330 -16.07 6.05 -21.54
CA ALA A 330 -15.10 6.63 -22.47
C ALA A 330 -15.79 7.04 -23.77
N LYS A 331 -16.76 6.24 -24.22
CA LYS A 331 -17.44 6.52 -25.48
C LYS A 331 -18.32 7.78 -25.35
N GLU A 332 -19.09 7.88 -24.26
CA GLU A 332 -19.84 9.09 -24.02
C GLU A 332 -18.92 10.31 -23.94
N ALA A 333 -17.77 10.17 -23.30
CA ALA A 333 -16.87 11.30 -23.19
C ALA A 333 -16.40 11.71 -24.57
N MET A 334 -16.18 10.74 -25.47
CA MET A 334 -15.73 11.09 -26.81
C MET A 334 -16.78 11.90 -27.58
N GLU A 335 -18.07 11.76 -27.21
CA GLU A 335 -19.16 12.45 -27.89
C GLU A 335 -19.45 13.81 -27.29
N HIS A 336 -18.73 14.19 -26.24
CA HIS A 336 -18.99 15.45 -25.54
C HIS A 336 -18.58 16.65 -26.42
N PRO A 337 -19.32 17.75 -26.34
CA PRO A 337 -18.98 18.94 -27.14
C PRO A 337 -17.57 19.46 -26.95
N TYR A 338 -16.91 19.18 -25.82
CA TYR A 338 -15.52 19.62 -25.65
C TYR A 338 -14.63 19.12 -26.79
N PHE A 339 -14.95 17.98 -27.38
CA PHE A 339 -14.13 17.43 -28.46
C PHE A 339 -14.59 17.85 -29.87
N TYR A 340 -15.67 18.60 -30.01
CA TYR A 340 -16.09 18.98 -31.37
C TYR A 340 -14.98 19.61 -32.19
N PRO A 341 -14.10 20.44 -31.65
CA PRO A 341 -13.02 21.00 -32.50
C PRO A 341 -12.08 19.94 -33.02
N VAL A 342 -11.98 18.81 -32.34
CA VAL A 342 -11.05 17.76 -32.73
C VAL A 342 -11.71 16.82 -33.72
N VAL A 343 -12.97 16.44 -33.47
CA VAL A 343 -13.64 15.53 -34.40
C VAL A 343 -14.00 16.26 -35.70
N LYS A 344 -14.17 17.58 -35.66
CA LYS A 344 -14.37 18.37 -36.88
C LYS A 344 -13.13 18.37 -37.77
N GLU A 345 -11.96 18.69 -37.19
CA GLU A 345 -10.69 18.65 -37.92
C GLU A 345 -10.11 17.23 -38.07
N GLN A 346 -10.86 16.18 -37.71
CA GLN A 346 -10.48 14.79 -37.93
C GLN A 346 -11.47 14.01 -38.78
N SER A 347 -12.44 14.68 -39.41
CA SER A 347 -13.43 13.99 -40.23
C SER A 347 -14.13 14.94 -41.21
N GLY B 21 13.38 -10.49 -6.59
CA GLY B 21 12.55 -10.96 -5.49
C GLY B 21 13.17 -10.70 -4.11
N SER B 22 12.40 -11.01 -3.07
CA SER B 22 12.87 -10.92 -1.69
C SER B 22 12.06 -11.93 -0.88
N ARG B 23 12.77 -12.69 -0.05
N ARG B 23 12.76 -12.65 0.00
CA ARG B 23 12.15 -13.66 0.84
CA ARG B 23 12.17 -13.70 0.81
C ARG B 23 12.64 -13.40 2.25
C ARG B 23 12.73 -13.60 2.22
N ALA B 24 11.89 -13.90 3.22
CA ALA B 24 12.37 -13.93 4.59
C ALA B 24 13.55 -14.89 4.69
N ARG B 25 14.57 -14.49 5.46
CA ARG B 25 15.71 -15.35 5.71
C ARG B 25 15.36 -16.56 6.55
N VAL B 26 14.35 -16.47 7.41
CA VAL B 26 13.96 -17.58 8.30
C VAL B 26 12.46 -17.73 8.24
N TYR B 27 11.99 -18.95 8.51
CA TYR B 27 10.57 -19.29 8.55
C TYR B 27 9.86 -18.95 7.24
N ALA B 28 10.60 -18.92 6.13
CA ALA B 28 9.95 -18.43 4.92
C ALA B 28 8.80 -19.34 4.51
N GLU B 29 8.94 -20.65 4.68
CA GLU B 29 7.99 -21.60 4.11
C GLU B 29 7.05 -22.20 5.14
N VAL B 30 6.97 -21.66 6.35
CA VAL B 30 6.30 -22.39 7.42
C VAL B 30 4.81 -22.54 7.13
N ASN B 31 4.17 -21.52 6.54
CA ASN B 31 2.74 -21.70 6.32
C ASN B 31 2.46 -22.67 5.19
N SER B 32 3.32 -22.70 4.16
CA SER B 32 3.05 -23.61 3.06
C SER B 32 3.28 -25.06 3.50
N LEU B 33 4.05 -25.26 4.58
CA LEU B 33 4.27 -26.59 5.14
C LEU B 33 3.13 -27.06 6.05
N ARG B 34 2.17 -26.18 6.36
CA ARG B 34 1.05 -26.51 7.24
C ARG B 34 -0.21 -26.78 6.42
N SER B 35 -1.21 -27.37 7.08
CA SER B 35 -2.52 -27.54 6.47
C SER B 35 -3.05 -26.19 5.99
N ARG B 36 -3.79 -26.20 4.88
CA ARG B 36 -4.39 -24.96 4.38
C ARG B 36 -5.31 -24.33 5.44
N GLU B 37 -6.02 -25.16 6.21
CA GLU B 37 -6.86 -24.65 7.29
C GLU B 37 -6.12 -23.69 8.22
N TYR B 38 -4.80 -23.85 8.35
CA TYR B 38 -4.03 -23.04 9.29
C TYR B 38 -4.01 -21.56 8.89
N TRP B 39 -3.72 -21.26 7.62
CA TRP B 39 -3.59 -19.87 7.16
C TRP B 39 -4.79 -19.37 6.36
N ASP B 40 -5.72 -20.24 5.94
CA ASP B 40 -6.87 -19.84 5.12
C ASP B 40 -7.96 -19.28 6.04
N TYR B 41 -7.68 -18.11 6.63
CA TYR B 41 -8.53 -17.61 7.71
C TYR B 41 -9.91 -17.23 7.23
N GLU B 42 -10.09 -16.94 5.95
CA GLU B 42 -11.45 -16.64 5.49
C GLU B 42 -12.40 -17.80 5.67
N ALA B 43 -11.88 -19.02 5.81
CA ALA B 43 -12.75 -20.17 6.03
C ALA B 43 -13.01 -20.43 7.50
N HIS B 44 -12.49 -19.59 8.39
CA HIS B 44 -12.68 -19.81 9.82
C HIS B 44 -14.15 -19.68 10.18
N VAL B 45 -14.62 -20.59 11.02
CA VAL B 45 -16.01 -20.67 11.45
C VAL B 45 -16.08 -20.26 12.92
N PRO B 46 -16.78 -19.20 13.26
CA PRO B 46 -16.75 -18.72 14.65
C PRO B 46 -17.46 -19.66 15.62
N SER B 47 -16.97 -19.67 16.85
CA SER B 47 -17.63 -20.34 17.97
C SER B 47 -17.94 -19.31 19.04
N TRP B 48 -19.21 -19.05 19.28
CA TRP B 48 -19.62 -17.93 20.11
C TRP B 48 -19.93 -18.39 21.53
N GLY B 49 -19.23 -17.85 22.51
CA GLY B 49 -19.56 -18.15 23.88
C GLY B 49 -20.80 -17.40 24.35
N ASN B 50 -21.05 -17.49 25.65
CA ASN B 50 -22.19 -16.82 26.27
C ASN B 50 -21.70 -15.42 26.70
N GLN B 51 -22.20 -14.39 26.00
CA GLN B 51 -21.86 -13.01 26.33
C GLN B 51 -22.11 -12.70 27.79
N ASP B 52 -23.22 -13.19 28.35
CA ASP B 52 -23.62 -12.85 29.70
C ASP B 52 -22.67 -13.37 30.75
N ASP B 53 -21.72 -14.23 30.39
CA ASP B 53 -20.70 -14.68 31.33
C ASP B 53 -19.79 -13.55 31.79
N TYR B 54 -19.76 -12.43 31.10
CA TYR B 54 -18.73 -11.42 31.36
C TYR B 54 -19.40 -10.12 31.75
N GLN B 55 -19.14 -9.67 32.98
CA GLN B 55 -19.66 -8.40 33.47
C GLN B 55 -18.58 -7.34 33.31
N LEU B 56 -18.88 -6.32 32.50
CA LEU B 56 -17.96 -5.23 32.30
C LEU B 56 -17.86 -4.40 33.56
N VAL B 57 -16.63 -4.05 33.91
CA VAL B 57 -16.30 -3.50 35.20
C VAL B 57 -15.65 -2.13 35.09
N ARG B 58 -14.81 -1.93 34.07
CA ARG B 58 -14.04 -0.70 33.92
C ARG B 58 -13.57 -0.60 32.47
N LYS B 59 -13.68 0.59 31.89
CA LYS B 59 -13.09 0.81 30.58
C LYS B 59 -11.58 0.98 30.70
N LEU B 60 -10.82 0.29 29.85
CA LEU B 60 -9.37 0.39 29.93
C LEU B 60 -8.77 1.29 28.87
N GLY B 61 -9.46 1.46 27.75
CA GLY B 61 -8.91 2.19 26.65
C GLY B 61 -9.54 1.75 25.35
N ARG B 62 -8.86 2.07 24.26
CA ARG B 62 -9.40 1.87 22.92
C ARG B 62 -8.26 1.53 21.99
N GLY B 63 -8.63 0.95 20.85
CA GLY B 63 -7.79 0.93 19.67
C GLY B 63 -8.54 1.65 18.55
N LYS B 64 -7.93 1.60 17.37
CA LYS B 64 -8.56 2.19 16.19
C LYS B 64 -9.98 1.65 16.01
N TYR B 65 -10.13 0.32 16.13
CA TYR B 65 -11.38 -0.34 15.78
C TYR B 65 -11.98 -1.10 16.96
N SER B 66 -11.82 -0.61 18.21
CA SER B 66 -12.31 -1.37 19.35
C SER B 66 -12.46 -0.50 20.59
N GLU B 67 -13.24 -1.02 21.53
CA GLU B 67 -13.41 -0.46 22.87
C GLU B 67 -13.05 -1.59 23.84
N VAL B 68 -12.11 -1.34 24.75
CA VAL B 68 -11.50 -2.39 25.55
C VAL B 68 -11.88 -2.21 27.01
N PHE B 69 -12.40 -3.28 27.60
CA PHE B 69 -12.90 -3.21 28.97
C PHE B 69 -12.25 -4.26 29.85
N GLU B 70 -12.07 -3.89 31.11
CA GLU B 70 -11.84 -4.87 32.15
C GLU B 70 -13.17 -5.46 32.57
N ALA B 71 -13.20 -6.76 32.84
CA ALA B 71 -14.45 -7.45 33.12
C ALA B 71 -14.19 -8.60 34.08
N ILE B 72 -15.28 -9.11 34.67
CA ILE B 72 -15.26 -10.29 35.52
C ILE B 72 -16.04 -11.40 34.84
N ASN B 73 -15.44 -12.59 34.76
CA ASN B 73 -16.19 -13.79 34.36
C ASN B 73 -17.02 -14.25 35.55
N ILE B 74 -18.34 -14.09 35.48
CA ILE B 74 -19.19 -14.41 36.63
C ILE B 74 -19.33 -15.91 36.85
N THR B 75 -18.82 -16.75 35.95
CA THR B 75 -18.93 -18.19 36.20
C THR B 75 -17.82 -18.70 37.10
N ASN B 76 -16.64 -18.06 37.06
CA ASN B 76 -15.51 -18.48 37.88
C ASN B 76 -14.80 -17.30 38.53
N ASN B 77 -15.39 -16.10 38.50
CA ASN B 77 -14.86 -14.90 39.13
C ASN B 77 -13.48 -14.51 38.61
N GLU B 78 -13.07 -15.00 37.46
CA GLU B 78 -11.74 -14.64 36.98
C GLU B 78 -11.79 -13.29 36.24
N ARG B 79 -10.74 -12.50 36.44
CA ARG B 79 -10.64 -11.19 35.80
C ARG B 79 -10.14 -11.36 34.38
N VAL B 80 -10.81 -10.72 33.42
CA VAL B 80 -10.48 -10.86 32.01
C VAL B 80 -10.50 -9.48 31.35
N VAL B 81 -10.09 -9.44 30.08
CA VAL B 81 -10.17 -8.22 29.28
C VAL B 81 -11.07 -8.51 28.08
N VAL B 82 -12.02 -7.61 27.83
CA VAL B 82 -13.01 -7.76 26.76
C VAL B 82 -12.76 -6.68 25.71
N LYS B 83 -12.48 -7.11 24.49
CA LYS B 83 -12.24 -6.19 23.38
C LYS B 83 -13.48 -6.20 22.50
N ILE B 84 -14.25 -5.13 22.56
CA ILE B 84 -15.47 -5.01 21.76
C ILE B 84 -15.10 -4.33 20.44
N LEU B 85 -15.36 -5.00 19.33
CA LEU B 85 -14.94 -4.50 18.03
C LEU B 85 -15.89 -3.45 17.47
N LYS B 86 -15.33 -2.39 16.91
CA LYS B 86 -16.14 -1.51 16.09
C LYS B 86 -16.57 -2.30 14.87
N PRO B 87 -17.67 -1.91 14.24
CA PRO B 87 -18.04 -2.59 12.98
C PRO B 87 -16.87 -2.54 12.01
N VAL B 88 -16.40 -3.72 11.60
CA VAL B 88 -15.33 -3.85 10.63
C VAL B 88 -15.64 -5.06 9.75
N LYS B 89 -14.95 -5.11 8.61
CA LYS B 89 -15.12 -6.17 7.62
C LYS B 89 -14.89 -7.54 8.25
N LYS B 90 -15.83 -8.47 8.03
CA LYS B 90 -15.80 -9.78 8.68
C LYS B 90 -14.49 -10.51 8.44
N LYS B 91 -13.97 -10.44 7.21
CA LYS B 91 -12.72 -11.11 6.88
C LYS B 91 -11.59 -10.67 7.81
N LYS B 92 -11.59 -9.38 8.18
CA LYS B 92 -10.56 -8.88 9.08
C LYS B 92 -10.75 -9.43 10.49
N ILE B 93 -12.01 -9.58 10.93
CA ILE B 93 -12.29 -10.23 12.21
C ILE B 93 -11.82 -11.69 12.18
N LYS B 94 -12.14 -12.40 11.10
CA LYS B 94 -11.69 -13.79 10.97
C LYS B 94 -10.18 -13.89 11.02
N ARG B 95 -9.48 -12.89 10.47
CA ARG B 95 -8.02 -12.95 10.48
C ARG B 95 -7.49 -12.84 11.91
N GLU B 96 -7.94 -11.84 12.65
CA GLU B 96 -7.45 -11.63 14.01
C GLU B 96 -7.75 -12.86 14.87
N VAL B 97 -8.97 -13.39 14.80
CA VAL B 97 -9.30 -14.54 15.63
C VAL B 97 -8.48 -15.77 15.25
N LYS B 98 -8.34 -16.05 13.95
CA LYS B 98 -7.59 -17.23 13.53
C LYS B 98 -6.14 -17.14 13.97
N ILE B 99 -5.53 -15.96 13.79
CA ILE B 99 -4.15 -15.77 14.22
C ILE B 99 -4.04 -15.99 15.73
N LEU B 100 -5.01 -15.49 16.47
CA LEU B 100 -4.95 -15.62 17.93
C LEU B 100 -5.06 -17.09 18.36
N GLU B 101 -5.91 -17.87 17.66
CA GLU B 101 -6.02 -19.30 17.97
C GLU B 101 -4.77 -20.05 17.58
N ASN B 102 -4.20 -19.73 16.42
CA ASN B 102 -2.92 -20.31 16.02
C ASN B 102 -1.82 -20.01 17.04
N LEU B 103 -1.84 -18.83 17.64
CA LEU B 103 -0.75 -18.41 18.53
C LEU B 103 -1.02 -18.75 19.99
N ARG B 104 -2.14 -19.41 20.28
CA ARG B 104 -2.59 -19.55 21.65
C ARG B 104 -1.59 -20.40 22.42
N GLY B 105 -1.31 -20.01 23.66
CA GLY B 105 -0.28 -20.70 24.40
C GLY B 105 1.14 -20.35 23.99
N GLY B 106 1.33 -19.44 23.05
CA GLY B 106 2.67 -19.01 22.71
C GLY B 106 3.26 -18.12 23.79
N THR B 107 4.60 -18.15 23.87
CA THR B 107 5.35 -17.42 24.88
C THR B 107 5.09 -15.92 24.80
N ASN B 108 4.42 -15.38 25.81
CA ASN B 108 4.21 -13.93 25.92
C ASN B 108 3.27 -13.40 24.84
N ILE B 109 2.45 -14.27 24.23
CA ILE B 109 1.36 -13.83 23.38
C ILE B 109 0.12 -13.70 24.25
N ILE B 110 -0.60 -12.58 24.14
CA ILE B 110 -1.84 -12.44 24.89
C ILE B 110 -2.72 -13.65 24.59
N LYS B 111 -3.34 -14.20 25.63
CA LYS B 111 -4.10 -15.43 25.54
C LYS B 111 -5.55 -15.11 25.24
N LEU B 112 -6.05 -15.61 24.10
CA LEU B 112 -7.46 -15.48 23.75
C LEU B 112 -8.28 -16.54 24.49
N ILE B 113 -9.27 -16.10 25.26
CA ILE B 113 -10.05 -16.96 26.14
C ILE B 113 -11.42 -17.29 25.53
N ASP B 114 -12.04 -16.34 24.83
CA ASP B 114 -13.39 -16.57 24.41
C ASP B 114 -13.73 -15.54 23.32
N THR B 115 -14.80 -15.83 22.59
CA THR B 115 -15.35 -14.94 21.56
C THR B 115 -16.86 -14.98 21.72
N VAL B 116 -17.48 -13.81 21.89
CA VAL B 116 -18.92 -13.70 22.09
C VAL B 116 -19.42 -12.62 21.13
N LYS B 117 -20.73 -12.54 20.95
CA LYS B 117 -21.30 -11.63 19.96
C LYS B 117 -22.59 -11.00 20.47
N ASP B 118 -23.07 -10.00 19.73
CA ASP B 118 -24.44 -9.49 19.78
C ASP B 118 -25.01 -9.23 21.18
N PRO B 119 -24.41 -8.31 21.98
CA PRO B 119 -25.09 -7.86 23.20
C PRO B 119 -25.83 -6.55 22.99
N VAL B 120 -25.10 -5.45 23.17
CA VAL B 120 -25.64 -4.10 22.93
C VAL B 120 -25.14 -3.51 21.61
N SER B 121 -24.01 -3.97 21.09
CA SER B 121 -23.42 -3.47 19.86
C SER B 121 -23.65 -4.38 18.65
N LYS B 122 -24.38 -5.50 18.80
CA LYS B 122 -24.63 -6.47 17.71
C LYS B 122 -23.35 -6.82 16.96
N THR B 123 -22.32 -7.19 17.72
CA THR B 123 -20.91 -7.06 17.37
C THR B 123 -20.08 -8.08 18.11
N PRO B 124 -19.03 -8.61 17.52
CA PRO B 124 -18.20 -9.59 18.24
C PRO B 124 -17.31 -8.91 19.27
N ALA B 125 -16.98 -9.66 20.32
CA ALA B 125 -16.06 -9.21 21.36
C ALA B 125 -15.09 -10.35 21.63
N LEU B 126 -13.80 -10.02 21.69
CA LEU B 126 -12.78 -11.00 21.98
C LEU B 126 -12.45 -10.87 23.46
N VAL B 127 -12.37 -12.01 24.15
CA VAL B 127 -12.10 -12.05 25.58
C VAL B 127 -10.67 -12.57 25.76
N PHE B 128 -9.88 -11.87 26.58
CA PHE B 128 -8.47 -12.17 26.82
C PHE B 128 -8.20 -12.32 28.31
N GLU B 129 -7.05 -12.94 28.64
CA GLU B 129 -6.51 -12.86 30.00
C GLU B 129 -6.23 -11.41 30.36
N TYR B 130 -6.41 -11.10 31.65
CA TYR B 130 -6.12 -9.77 32.17
C TYR B 130 -4.63 -9.64 32.45
N ILE B 131 -4.03 -8.52 32.03
CA ILE B 131 -2.69 -8.12 32.43
C ILE B 131 -2.83 -6.75 33.06
N ASN B 132 -2.24 -6.59 34.25
CA ASN B 132 -2.26 -5.35 35.01
C ASN B 132 -1.13 -4.47 34.47
N ASN B 133 -1.40 -3.79 33.34
CA ASN B 133 -0.37 -3.00 32.65
C ASN B 133 -0.06 -1.69 33.37
N THR B 134 1.21 -1.34 33.45
CA THR B 134 1.61 0.02 33.78
C THR B 134 1.82 0.78 32.48
N ASP B 135 1.10 1.90 32.32
CA ASP B 135 1.20 2.73 31.13
C ASP B 135 2.65 3.07 30.82
N PHE B 136 3.04 2.89 29.56
CA PHE B 136 4.47 2.99 29.23
C PHE B 136 5.03 4.38 29.46
N LYS B 137 4.19 5.42 29.37
CA LYS B 137 4.69 6.77 29.62
C LYS B 137 5.17 6.91 31.08
N GLN B 138 4.48 6.25 32.02
CA GLN B 138 4.98 6.16 33.39
C GLN B 138 6.06 5.10 33.53
N LEU B 139 5.87 3.93 32.92
CA LEU B 139 6.84 2.85 33.09
C LEU B 139 8.22 3.25 32.56
N TYR B 140 8.27 3.93 31.41
CA TYR B 140 9.56 4.26 30.82
C TYR B 140 10.34 5.26 31.68
N GLN B 141 9.68 5.92 32.64
CA GLN B 141 10.38 6.79 33.58
C GLN B 141 11.16 6.02 34.64
N ILE B 142 10.85 4.74 34.88
CA ILE B 142 11.45 4.04 36.01
C ILE B 142 12.23 2.80 35.59
N LEU B 143 12.21 2.42 34.31
CA LEU B 143 12.91 1.22 33.87
C LEU B 143 14.42 1.36 34.03
N THR B 144 15.07 0.30 34.55
CA THR B 144 16.52 0.33 34.61
C THR B 144 17.12 -0.35 33.37
N ASP B 145 18.43 -0.25 33.26
CA ASP B 145 19.17 -0.93 32.18
C ASP B 145 18.81 -2.40 32.16
N PHE B 146 18.88 -3.05 33.31
CA PHE B 146 18.52 -4.45 33.39
C PHE B 146 17.06 -4.66 33.06
N ASP B 147 16.20 -3.75 33.51
CA ASP B 147 14.78 -3.89 33.18
C ASP B 147 14.56 -3.93 31.67
N ILE B 148 15.27 -3.06 30.95
CA ILE B 148 15.06 -2.98 29.51
C ILE B 148 15.56 -4.24 28.81
N ARG B 149 16.72 -4.76 29.22
CA ARG B 149 17.18 -6.04 28.68
C ARG B 149 16.17 -7.14 28.97
N PHE B 150 15.65 -7.18 30.19
CA PHE B 150 14.70 -8.24 30.58
C PHE B 150 13.44 -8.19 29.73
N TYR B 151 12.80 -7.02 29.66
CA TYR B 151 11.54 -6.91 28.93
C TYR B 151 11.74 -7.04 27.42
N MET B 152 12.83 -6.48 26.89
CA MET B 152 13.06 -6.64 25.46
C MET B 152 13.27 -8.12 25.13
N TYR B 153 13.95 -8.85 26.01
CA TYR B 153 14.17 -10.27 25.78
C TYR B 153 12.84 -11.02 25.72
N GLU B 154 11.96 -10.73 26.68
CA GLU B 154 10.64 -11.37 26.71
C GLU B 154 9.83 -11.01 25.47
N LEU B 155 9.93 -9.76 25.01
CA LEU B 155 9.23 -9.39 23.79
C LEU B 155 9.79 -10.14 22.57
N LEU B 156 11.11 -10.33 22.53
CA LEU B 156 11.71 -11.09 21.42
C LEU B 156 11.24 -12.53 21.40
N LYS B 157 10.98 -13.13 22.57
CA LYS B 157 10.41 -14.48 22.62
C LYS B 157 9.05 -14.52 21.96
N ALA B 158 8.23 -13.49 22.18
CA ALA B 158 6.92 -13.45 21.52
C ALA B 158 7.08 -13.28 20.01
N LEU B 159 8.04 -12.45 19.59
CA LEU B 159 8.22 -12.19 18.16
C LEU B 159 8.78 -13.43 17.48
N ASP B 160 9.79 -14.06 18.10
CA ASP B 160 10.28 -15.31 17.50
C ASP B 160 9.16 -16.35 17.43
N TYR B 161 8.33 -16.43 18.48
CA TYR B 161 7.25 -17.42 18.45
C TYR B 161 6.29 -17.14 17.31
N CYS B 162 5.80 -15.90 17.20
CA CYS B 162 4.78 -15.66 16.17
C CYS B 162 5.37 -15.71 14.77
N HIS B 163 6.61 -15.25 14.59
CA HIS B 163 7.27 -15.43 13.30
C HIS B 163 7.40 -16.91 12.94
N SER B 164 7.82 -17.75 13.91
CA SER B 164 7.95 -19.18 13.65
C SER B 164 6.60 -19.82 13.30
N LYS B 165 5.50 -19.22 13.76
CA LYS B 165 4.16 -19.65 13.41
C LYS B 165 3.67 -18.95 12.15
N GLY B 166 4.57 -18.34 11.39
CA GLY B 166 4.24 -17.77 10.09
C GLY B 166 3.48 -16.46 10.14
N ILE B 167 3.54 -15.71 11.25
CA ILE B 167 2.71 -14.54 11.41
C ILE B 167 3.60 -13.34 11.68
N MET B 168 3.37 -12.25 10.95
CA MET B 168 3.96 -10.95 11.20
C MET B 168 2.97 -10.14 12.04
N HIS B 169 3.46 -9.46 13.06
CA HIS B 169 2.57 -8.69 13.91
C HIS B 169 2.13 -7.41 13.23
N ARG B 170 3.11 -6.65 12.74
CA ARG B 170 2.94 -5.46 11.90
C ARG B 170 2.37 -4.28 12.68
N ASP B 171 2.28 -4.35 14.01
CA ASP B 171 1.88 -3.18 14.78
C ASP B 171 2.62 -3.11 16.10
N VAL B 172 3.91 -3.40 16.05
CA VAL B 172 4.76 -3.41 17.25
C VAL B 172 5.07 -1.97 17.67
N LYS B 173 4.67 -1.60 18.87
CA LYS B 173 4.88 -0.28 19.49
C LYS B 173 4.61 -0.42 20.99
N PRO B 174 5.07 0.57 21.82
CA PRO B 174 4.89 0.45 23.28
C PRO B 174 3.44 0.21 23.71
N HIS B 175 2.48 0.86 23.05
CA HIS B 175 1.08 0.65 23.42
C HIS B 175 0.63 -0.80 23.25
N ASN B 176 1.34 -1.59 22.45
CA ASN B 176 0.92 -2.99 22.23
C ASN B 176 1.72 -3.98 23.04
N VAL B 177 2.47 -3.53 24.01
CA VAL B 177 3.25 -4.40 24.87
C VAL B 177 2.76 -4.18 26.29
N MET B 178 1.94 -5.09 26.79
CA MET B 178 1.44 -4.95 28.16
C MET B 178 2.48 -5.49 29.12
N ILE B 179 2.77 -4.73 30.18
CA ILE B 179 3.79 -5.11 31.16
C ILE B 179 3.21 -4.91 32.55
N ASP B 180 3.07 -6.02 33.28
CA ASP B 180 2.79 -6.00 34.73
C ASP B 180 4.16 -5.96 35.40
N HIS B 181 4.55 -4.77 35.87
CA HIS B 181 5.89 -4.55 36.39
C HIS B 181 6.09 -5.15 37.77
N GLN B 182 5.01 -5.39 38.52
CA GLN B 182 5.12 -6.08 39.80
C GLN B 182 5.35 -7.58 39.58
N GLN B 183 4.53 -8.23 38.75
CA GLN B 183 4.66 -9.66 38.53
C GLN B 183 5.68 -10.02 37.48
N LYS B 184 6.30 -9.04 36.83
CA LYS B 184 7.27 -9.26 35.75
C LYS B 184 6.70 -10.13 34.63
N LYS B 185 5.57 -9.69 34.09
CA LYS B 185 4.89 -10.39 32.99
C LYS B 185 4.69 -9.42 31.82
N LEU B 186 4.89 -9.91 30.63
CA LEU B 186 4.80 -9.12 29.42
C LEU B 186 3.92 -9.88 28.45
N ARG B 187 3.03 -9.17 27.75
CA ARG B 187 2.19 -9.80 26.73
C ARG B 187 2.15 -8.90 25.53
N LEU B 188 2.37 -9.47 24.35
CA LEU B 188 2.18 -8.74 23.10
C LEU B 188 0.71 -8.81 22.70
N ILE B 189 0.06 -7.65 22.56
CA ILE B 189 -1.39 -7.60 22.32
C ILE B 189 -1.69 -7.00 20.95
N ASP B 190 -2.99 -6.81 20.67
CA ASP B 190 -3.59 -6.24 19.47
C ASP B 190 -3.05 -6.86 18.19
N TRP B 191 -3.57 -8.02 17.85
CA TRP B 191 -3.21 -8.76 16.64
C TRP B 191 -4.11 -8.36 15.44
N GLY B 192 -4.76 -7.20 15.52
CA GLY B 192 -5.71 -6.83 14.49
C GLY B 192 -5.08 -6.46 13.18
N LEU B 193 -3.79 -6.14 13.16
CA LEU B 193 -3.08 -5.86 11.91
C LEU B 193 -2.20 -7.02 11.47
N ALA B 194 -2.13 -8.10 12.24
CA ALA B 194 -1.21 -9.19 11.91
C ALA B 194 -1.65 -9.93 10.64
N GLU B 195 -0.67 -10.56 9.99
CA GLU B 195 -0.93 -11.24 8.73
C GLU B 195 -0.03 -12.48 8.61
N PHE B 196 -0.49 -13.45 7.83
CA PHE B 196 0.26 -14.65 7.51
C PHE B 196 1.33 -14.33 6.49
N TYR B 197 2.56 -14.80 6.72
CA TYR B 197 3.64 -14.57 5.76
C TYR B 197 3.61 -15.68 4.71
N HIS B 198 3.62 -15.28 3.43
CA HIS B 198 3.75 -16.23 2.34
C HIS B 198 4.86 -15.70 1.43
N PRO B 199 5.81 -16.55 1.02
CA PRO B 199 6.97 -16.06 0.26
C PRO B 199 6.54 -15.33 -1.01
N ALA B 200 7.15 -14.17 -1.22
CA ALA B 200 6.95 -13.35 -2.42
C ALA B 200 5.57 -12.69 -2.45
N GLN B 201 4.78 -12.76 -1.39
CA GLN B 201 3.48 -12.11 -1.40
C GLN B 201 3.63 -10.60 -1.22
N GLU B 202 2.83 -9.84 -1.98
CA GLU B 202 2.82 -8.40 -1.88
C GLU B 202 1.81 -7.98 -0.81
N TYR B 203 2.27 -7.24 0.19
CA TYR B 203 1.42 -6.89 1.32
C TYR B 203 1.06 -5.40 1.29
N ASN B 204 -0.06 -5.08 1.93
CA ASN B 204 -0.42 -3.70 2.20
C ASN B 204 0.68 -3.06 3.07
N VAL B 205 1.24 -1.92 2.60
CA VAL B 205 2.24 -1.23 3.38
C VAL B 205 1.60 -0.30 4.40
N ARG B 206 0.28 -0.17 4.42
CA ARG B 206 -0.34 0.76 5.39
C ARG B 206 -0.61 0.03 6.71
N VAL B 207 0.48 -0.31 7.38
CA VAL B 207 0.50 -0.99 8.67
C VAL B 207 1.48 -0.28 9.60
N ALA B 208 1.33 -0.56 10.91
CA ALA B 208 2.16 -0.05 12.00
C ALA B 208 1.91 1.44 12.25
N SER B 209 2.18 1.92 13.45
CA SER B 209 2.10 3.35 13.73
C SER B 209 3.24 4.06 13.01
N ARG B 210 3.01 5.33 12.60
CA ARG B 210 4.00 6.06 11.80
C ARG B 210 5.42 5.96 12.35
N TYR B 211 5.58 6.11 13.68
CA TYR B 211 6.94 6.18 14.22
C TYR B 211 7.66 4.85 14.16
N PHE B 212 6.92 3.77 13.94
CA PHE B 212 7.46 2.40 13.96
C PHE B 212 7.42 1.73 12.59
N LYS B 213 7.07 2.48 11.56
CA LYS B 213 7.08 1.94 10.20
C LYS B 213 8.51 1.73 9.72
N GLY B 214 8.79 0.54 9.20
CA GLY B 214 10.10 0.28 8.64
C GLY B 214 10.28 1.08 7.36
N PRO B 215 11.52 1.30 6.95
CA PRO B 215 11.75 2.01 5.68
C PRO B 215 11.07 1.32 4.49
N GLU B 216 10.98 -0.01 4.50
CA GLU B 216 10.34 -0.69 3.36
C GLU B 216 8.90 -0.20 3.19
N LEU B 217 8.19 0.03 4.29
CA LEU B 217 6.81 0.51 4.17
C LEU B 217 6.75 1.93 3.61
N LEU B 218 7.68 2.78 4.03
CA LEU B 218 7.65 4.19 3.69
C LEU B 218 8.00 4.38 2.21
N VAL B 219 8.77 3.46 1.64
CA VAL B 219 9.06 3.53 0.21
C VAL B 219 8.17 2.59 -0.60
N ASP B 220 7.13 2.01 0.03
CA ASP B 220 6.12 1.22 -0.68
C ASP B 220 6.72 -0.04 -1.32
N TYR B 221 7.63 -0.68 -0.61
CA TYR B 221 8.13 -1.99 -1.00
C TYR B 221 7.24 -3.06 -0.36
N GLN B 222 6.41 -3.74 -1.17
CA GLN B 222 5.32 -4.53 -0.64
C GLN B 222 5.73 -5.95 -0.27
N MET B 223 6.88 -6.40 -0.74
CA MET B 223 7.30 -7.78 -0.45
C MET B 223 8.16 -7.83 0.82
N TYR B 224 7.57 -7.37 1.91
CA TYR B 224 8.25 -7.34 3.20
C TYR B 224 7.92 -8.60 4.00
N ASP B 225 8.48 -8.71 5.21
CA ASP B 225 8.34 -9.99 5.90
C ASP B 225 8.48 -9.75 7.40
N TYR B 226 8.79 -10.81 8.15
CA TYR B 226 8.87 -10.71 9.59
C TYR B 226 9.82 -9.61 10.03
N SER B 227 10.83 -9.30 9.22
CA SER B 227 11.85 -8.36 9.66
C SER B 227 11.29 -6.95 9.87
N LEU B 228 10.10 -6.65 9.32
CA LEU B 228 9.44 -5.39 9.66
C LEU B 228 9.29 -5.25 11.17
N ASP B 229 8.86 -6.33 11.83
CA ASP B 229 8.69 -6.25 13.27
C ASP B 229 10.02 -5.97 13.94
N MET B 230 11.15 -6.41 13.34
CA MET B 230 12.43 -6.18 14.02
C MET B 230 12.86 -4.70 13.90
N TRP B 231 12.49 -4.01 12.81
CA TRP B 231 12.66 -2.56 12.74
C TRP B 231 11.85 -1.88 13.84
N SER B 232 10.57 -2.25 13.97
CA SER B 232 9.74 -1.62 14.98
C SER B 232 10.32 -1.86 16.37
N LEU B 233 10.79 -3.09 16.62
CA LEU B 233 11.42 -3.36 17.90
C LEU B 233 12.65 -2.50 18.07
N GLY B 234 13.44 -2.32 17.01
CA GLY B 234 14.59 -1.41 17.09
C GLY B 234 14.21 0.00 17.49
N CYS B 235 13.08 0.50 17.00
CA CYS B 235 12.63 1.85 17.38
C CYS B 235 12.31 1.94 18.85
N MET B 236 11.69 0.88 19.39
CA MET B 236 11.38 0.87 20.81
C MET B 236 12.67 0.81 21.65
N LEU B 237 13.62 -0.04 21.25
CA LEU B 237 14.89 -0.11 21.98
C LEU B 237 15.58 1.24 22.03
N ALA B 238 15.69 1.91 20.88
CA ALA B 238 16.26 3.26 20.82
C ALA B 238 15.55 4.20 21.78
N SER B 239 14.22 4.20 21.77
CA SER B 239 13.52 5.15 22.63
C SER B 239 13.75 4.83 24.10
N MET B 240 13.88 3.55 24.45
CA MET B 240 14.05 3.17 25.85
C MET B 240 15.45 3.52 26.36
N ILE B 241 16.50 3.18 25.59
CA ILE B 241 17.84 3.43 26.09
C ILE B 241 18.22 4.90 25.91
N PHE B 242 17.71 5.60 24.89
CA PHE B 242 18.05 7.00 24.80
C PHE B 242 17.03 7.91 25.48
N ARG B 243 15.83 7.40 25.83
CA ARG B 243 14.80 8.24 26.46
C ARG B 243 14.27 9.34 25.52
N ARG B 244 14.31 9.10 24.22
CA ARG B 244 13.64 9.97 23.26
C ARG B 244 12.51 9.13 22.67
N GLU B 245 11.28 9.47 23.02
CA GLU B 245 10.13 8.63 22.69
C GLU B 245 9.05 9.48 22.04
N PRO B 246 8.61 9.16 20.82
CA PRO B 246 9.15 8.10 19.96
C PRO B 246 10.53 8.48 19.49
N PHE B 247 11.32 7.53 19.00
CA PHE B 247 12.69 7.89 18.65
C PHE B 247 12.77 8.62 17.31
N PHE B 248 12.02 8.17 16.27
CA PHE B 248 11.94 8.89 14.99
C PHE B 248 10.57 9.55 14.92
N HIS B 249 10.52 10.86 15.10
CA HIS B 249 9.24 11.54 15.31
C HIS B 249 8.79 12.29 14.05
N GLY B 250 8.35 11.52 13.06
CA GLY B 250 7.88 12.14 11.83
C GLY B 250 6.54 12.84 12.00
N GLN B 251 6.36 13.92 11.26
CA GLN B 251 5.06 14.59 11.21
C GLN B 251 4.14 13.99 10.16
N ASP B 252 4.67 13.19 9.25
CA ASP B 252 3.88 12.46 8.27
C ASP B 252 4.78 11.36 7.72
N ASN B 253 4.22 10.54 6.83
CA ASN B 253 4.95 9.39 6.32
C ASN B 253 6.19 9.82 5.56
N TYR B 254 6.13 10.93 4.82
CA TYR B 254 7.34 11.42 4.15
C TYR B 254 8.38 11.89 5.15
N ASP B 255 7.98 12.75 6.09
CA ASP B 255 8.92 13.24 7.09
C ASP B 255 9.48 12.09 7.91
N GLN B 256 8.74 11.01 8.04
CA GLN B 256 9.26 9.88 8.81
C GLN B 256 10.54 9.33 8.21
N LEU B 257 10.56 9.11 6.88
CA LEU B 257 11.77 8.61 6.23
C LEU B 257 12.89 9.63 6.34
N VAL B 258 12.55 10.92 6.23
CA VAL B 258 13.59 11.93 6.41
C VAL B 258 14.18 11.85 7.81
N ARG B 259 13.33 11.69 8.85
CA ARG B 259 13.88 11.58 10.21
C ARG B 259 14.81 10.40 10.33
N ILE B 260 14.44 9.29 9.69
CA ILE B 260 15.27 8.08 9.70
C ILE B 260 16.58 8.34 8.98
N ALA B 261 16.51 8.98 7.82
CA ALA B 261 17.71 9.21 7.02
C ALA B 261 18.65 10.19 7.70
N LYS B 262 18.14 11.11 8.51
CA LYS B 262 19.04 12.03 9.22
C LYS B 262 19.91 11.32 10.25
N VAL B 263 19.60 10.06 10.53
CA VAL B 263 20.36 9.24 11.47
C VAL B 263 21.14 8.15 10.74
N LEU B 264 20.46 7.33 9.91
CA LEU B 264 21.14 6.27 9.19
C LEU B 264 21.86 6.76 7.94
N GLY B 265 21.56 7.97 7.48
CA GLY B 265 22.26 8.46 6.30
C GLY B 265 21.48 8.28 5.01
N THR B 266 21.73 9.18 4.08
CA THR B 266 21.00 9.08 2.80
C THR B 266 21.70 8.17 1.81
N GLU B 267 23.02 8.11 1.82
CA GLU B 267 23.69 7.26 0.83
C GLU B 267 23.37 5.79 1.08
N GLU B 268 23.28 5.39 2.34
CA GLU B 268 22.86 4.04 2.68
C GLU B 268 21.40 3.78 2.32
N LEU B 269 20.53 4.79 2.42
CA LEU B 269 19.15 4.61 1.99
C LEU B 269 19.12 4.35 0.50
N TYR B 270 19.89 5.13 -0.27
CA TYR B 270 19.91 4.96 -1.72
C TYR B 270 20.51 3.62 -2.13
N GLY B 271 21.54 3.16 -1.40
CA GLY B 271 22.08 1.84 -1.67
C GLY B 271 21.06 0.75 -1.44
N TYR B 272 20.30 0.85 -0.35
CA TYR B 272 19.18 -0.07 -0.10
C TYR B 272 18.20 -0.13 -1.27
N LEU B 273 17.73 1.04 -1.73
CA LEU B 273 16.76 1.08 -2.81
C LEU B 273 17.33 0.51 -4.11
N LYS B 274 18.61 0.74 -4.37
CA LYS B 274 19.18 0.16 -5.57
C LYS B 274 19.31 -1.35 -5.44
N LYS B 275 19.64 -1.84 -4.23
CA LYS B 275 19.76 -3.29 -4.04
C LYS B 275 18.47 -4.00 -4.40
N TYR B 276 17.33 -3.48 -3.96
CA TYR B 276 16.07 -4.18 -4.19
C TYR B 276 15.29 -3.60 -5.36
N HIS B 277 15.90 -2.76 -6.18
CA HIS B 277 15.23 -2.15 -7.33
C HIS B 277 13.94 -1.45 -6.93
N ILE B 278 14.00 -0.66 -5.88
CA ILE B 278 12.77 -0.06 -5.35
C ILE B 278 12.51 1.25 -6.08
N ASP B 279 11.33 1.33 -6.68
CA ASP B 279 10.89 2.58 -7.29
C ASP B 279 10.55 3.56 -6.18
N LEU B 280 11.26 4.67 -6.14
CA LEU B 280 11.09 5.67 -5.09
C LEU B 280 10.18 6.79 -5.57
N ASP B 281 9.16 7.11 -4.78
CA ASP B 281 8.30 8.27 -5.00
C ASP B 281 9.17 9.52 -5.20
N PRO B 282 9.07 10.21 -6.34
CA PRO B 282 10.04 11.30 -6.63
C PRO B 282 10.01 12.43 -5.62
N HIS B 283 8.94 12.56 -4.84
CA HIS B 283 8.92 13.55 -3.78
C HIS B 283 10.02 13.30 -2.76
N PHE B 284 10.45 12.04 -2.59
CA PHE B 284 11.49 11.80 -1.59
C PHE B 284 12.82 12.40 -2.02
N ASN B 285 13.12 12.37 -3.32
CA ASN B 285 14.36 12.98 -3.80
C ASN B 285 14.39 14.48 -3.49
N ASP B 286 13.22 15.14 -3.44
CA ASP B 286 13.19 16.58 -3.17
C ASP B 286 13.37 16.94 -1.71
N ILE B 287 13.13 16.01 -0.78
CA ILE B 287 13.11 16.34 0.64
C ILE B 287 14.17 15.60 1.44
N LEU B 288 14.81 14.57 0.86
CA LEU B 288 15.71 13.74 1.64
C LEU B 288 17.04 14.43 1.90
N GLY B 289 17.51 15.24 0.96
CA GLY B 289 18.78 15.95 1.11
C GLY B 289 19.96 14.97 1.11
N GLN B 290 21.05 15.38 1.76
CA GLN B 290 22.18 14.49 1.96
C GLN B 290 22.55 14.58 3.43
N HIS B 291 22.63 13.42 4.07
CA HIS B 291 22.94 13.32 5.48
C HIS B 291 23.92 12.18 5.65
N SER B 292 24.96 12.40 6.44
CA SER B 292 25.86 11.31 6.80
C SER B 292 25.20 10.43 7.84
N ARG B 293 25.59 9.17 7.87
CA ARG B 293 25.17 8.33 8.97
C ARG B 293 25.76 8.87 10.26
N LYS B 294 24.93 8.98 11.30
CA LYS B 294 25.37 9.45 12.59
C LYS B 294 25.83 8.27 13.45
N ARG B 295 26.84 8.50 14.28
CA ARG B 295 27.23 7.50 15.28
C ARG B 295 26.19 7.41 16.39
N TRP B 296 25.86 6.18 16.80
CA TRP B 296 24.87 6.03 17.87
C TRP B 296 25.31 6.68 19.15
N GLU B 297 26.62 6.73 19.41
CA GLU B 297 27.13 7.40 20.61
C GLU B 297 26.74 8.87 20.66
N ASN B 298 26.36 9.48 19.51
CA ASN B 298 25.96 10.89 19.50
C ASN B 298 24.67 11.14 20.29
N PHE B 299 23.90 10.10 20.60
CA PHE B 299 22.63 10.26 21.31
C PHE B 299 22.74 10.12 22.82
N ILE B 300 23.94 9.88 23.35
CA ILE B 300 24.18 9.69 24.78
C ILE B 300 24.40 11.04 25.41
N HIS B 301 23.76 11.27 26.56
CA HIS B 301 24.06 12.43 27.41
C HIS B 301 23.75 12.02 28.84
N SER B 302 23.87 12.97 29.78
CA SER B 302 23.83 12.59 31.19
C SER B 302 22.50 11.98 31.60
N GLU B 303 21.41 12.29 30.90
CA GLU B 303 20.10 11.80 31.29
C GLU B 303 19.80 10.37 30.79
N ASN B 304 20.58 9.83 29.86
CA ASN B 304 20.37 8.46 29.41
C ASN B 304 21.62 7.59 29.56
N ARG B 305 22.68 8.12 30.17
CA ARG B 305 23.95 7.41 30.21
C ARG B 305 23.85 6.08 31.00
N HIS B 306 23.02 6.04 32.04
CA HIS B 306 22.87 4.80 32.81
C HIS B 306 22.14 3.70 32.05
N LEU B 307 21.63 3.95 30.86
CA LEU B 307 20.90 2.93 30.11
C LEU B 307 21.66 2.45 28.88
N VAL B 308 22.77 3.09 28.56
CA VAL B 308 23.46 2.85 27.30
C VAL B 308 24.77 2.13 27.60
N SER B 309 25.15 1.20 26.71
CA SER B 309 26.34 0.37 26.83
C SER B 309 26.82 0.07 25.42
N PRO B 310 28.07 -0.35 25.25
CA PRO B 310 28.52 -0.68 23.89
C PRO B 310 27.68 -1.79 23.25
N GLU B 311 27.30 -2.79 24.04
CA GLU B 311 26.52 -3.88 23.45
C GLU B 311 25.12 -3.42 23.06
N ALA B 312 24.52 -2.52 23.86
CA ALA B 312 23.22 -1.97 23.47
C ALA B 312 23.30 -1.28 22.12
N LEU B 313 24.32 -0.46 21.92
CA LEU B 313 24.46 0.25 20.67
C LEU B 313 24.73 -0.72 19.53
N ASP B 314 25.48 -1.79 19.83
CA ASP B 314 25.76 -2.79 18.82
C ASP B 314 24.48 -3.50 18.40
N LEU B 315 23.63 -3.83 19.37
CA LEU B 315 22.36 -4.46 19.05
C LEU B 315 21.47 -3.52 18.24
N LEU B 316 21.33 -2.27 18.71
CA LEU B 316 20.53 -1.30 17.97
C LEU B 316 21.02 -1.17 16.53
N ASP B 317 22.33 -1.16 16.34
CA ASP B 317 22.88 -1.00 14.99
C ASP B 317 22.47 -2.15 14.08
N LYS B 318 22.31 -3.35 14.63
CA LYS B 318 21.93 -4.52 13.87
C LYS B 318 20.42 -4.69 13.75
N LEU B 319 19.63 -3.85 14.43
CA LEU B 319 18.19 -3.84 14.19
C LEU B 319 17.76 -2.71 13.25
N LEU B 320 18.23 -1.50 13.51
CA LEU B 320 17.80 -0.34 12.72
C LEU B 320 18.72 -0.25 11.51
N ARG B 321 18.46 -1.16 10.59
CA ARG B 321 19.14 -1.18 9.30
C ARG B 321 18.11 -1.03 8.20
N TYR B 322 18.44 -0.22 7.20
CA TYR B 322 17.55 -0.10 6.05
C TYR B 322 17.24 -1.47 5.47
N ASP B 323 18.28 -2.25 5.23
CA ASP B 323 18.14 -3.50 4.51
C ASP B 323 17.50 -4.53 5.43
N HIS B 324 16.20 -4.78 5.22
CA HIS B 324 15.44 -5.70 6.05
C HIS B 324 16.07 -7.09 6.09
N GLN B 325 16.70 -7.56 5.00
CA GLN B 325 17.33 -8.88 5.11
C GLN B 325 18.58 -8.85 5.96
N GLN B 326 19.09 -7.67 6.33
CA GLN B 326 20.29 -7.60 7.13
C GLN B 326 20.00 -7.42 8.61
N ARG B 327 18.76 -7.06 8.96
CA ARG B 327 18.39 -6.98 10.37
C ARG B 327 18.51 -8.33 11.04
N LEU B 328 18.82 -8.31 12.34
CA LEU B 328 18.78 -9.58 13.08
C LEU B 328 17.38 -10.19 13.04
N THR B 329 17.31 -11.51 13.00
CA THR B 329 16.06 -12.16 13.35
C THR B 329 15.83 -12.05 14.87
N ALA B 330 14.58 -12.31 15.31
CA ALA B 330 14.30 -12.26 16.73
C ALA B 330 15.18 -13.24 17.50
N LYS B 331 15.42 -14.42 16.92
CA LYS B 331 16.27 -15.40 17.60
C LYS B 331 17.74 -14.98 17.62
N GLU B 332 18.28 -14.48 16.50
CA GLU B 332 19.64 -13.92 16.53
C GLU B 332 19.76 -12.79 17.54
N ALA B 333 18.74 -11.94 17.60
CA ALA B 333 18.79 -10.85 18.57
C ALA B 333 18.80 -11.41 19.99
N MET B 334 18.07 -12.52 20.23
CA MET B 334 18.03 -13.09 21.58
C MET B 334 19.41 -13.62 22.01
N GLU B 335 20.26 -13.98 21.05
CA GLU B 335 21.62 -14.45 21.31
C GLU B 335 22.65 -13.31 21.44
N HIS B 336 22.25 -12.07 21.24
CA HIS B 336 23.18 -10.94 21.30
C HIS B 336 23.70 -10.70 22.73
N PRO B 337 24.96 -10.28 22.86
CA PRO B 337 25.53 -10.05 24.20
C PRO B 337 24.74 -9.07 25.10
N TYR B 338 23.97 -8.15 24.50
CA TYR B 338 23.11 -7.27 25.29
C TYR B 338 22.20 -8.04 26.25
N PHE B 339 21.80 -9.26 25.89
CA PHE B 339 20.93 -10.04 26.76
C PHE B 339 21.68 -10.99 27.70
N TYR B 340 23.00 -11.09 27.63
CA TYR B 340 23.70 -11.99 28.55
C TYR B 340 23.30 -11.84 30.02
N PRO B 341 23.09 -10.62 30.56
CA PRO B 341 22.63 -10.54 31.97
C PRO B 341 21.26 -11.15 32.23
N VAL B 342 20.42 -11.29 31.19
CA VAL B 342 19.06 -11.80 31.32
C VAL B 342 19.05 -13.31 31.13
N VAL B 343 19.79 -13.77 30.12
CA VAL B 343 19.85 -15.21 29.83
C VAL B 343 20.55 -15.93 30.97
N LYS B 344 21.42 -15.22 31.70
CA LYS B 344 22.05 -15.80 32.89
C LYS B 344 20.99 -16.16 33.93
N GLU B 345 20.08 -15.23 34.21
CA GLU B 345 18.94 -15.53 35.09
C GLU B 345 17.88 -16.32 34.32
#